data_8WFY
#
_entry.id   8WFY
#
_cell.length_a   45.617
_cell.length_b   213.636
_cell.length_c   55.707
_cell.angle_alpha   90.000
_cell.angle_beta   96.846
_cell.angle_gamma   90.000
#
_symmetry.space_group_name_H-M   'P 1 21 1'
#
loop_
_entity.id
_entity.type
_entity.pdbx_description
1 polymer 'Tyrosine-protein phosphatase non-receptor type 11'
2 non-polymer 6-(4-azanyl-4-methyl-piperidin-1-yl)-3-[2,3-bis(chloranyl)phenyl]pyrazin-2-amine
3 water water
#
_entity_poly.entity_id   1
_entity_poly.type   'polypeptide(L)'
_entity_poly.pdbx_seq_one_letter_code
;MKSRRWFHPNITGVEAENLLLTRGVDGSFLARPSKSNPGDLTLSVRRNGAVTHIKIQNTGDYYDLYGGEKFATLAELVQY
YMEHHGQLKEKNGDVIELKYPLNCADPTSERWFHGHLSGKEAEKLLTEKGKHGSFLVRESQSHPGDFVLSVRTGDDKGES
NDGKSKVTHVMIRCQELKYDVGGGERFDSLTDLVEHYKKNPMVETLGTVLQLKQPLNTTRINAAEIESRVRELSKLAETT
DKVKQGFWEEFETLQQQECKLLYSRKEGQRQENKNKNRYKNILPFDHTRVVLHDGDPNEPVSDYINANIIMPEFETKCNN
SKPKKSYIATQGCLQNTVNDFWRMVFQENSRVIVMTTKEVERGKSKCVKYWPDEYALKEYGVMRVRNVKESAAHDYTLRE
LKLSKVGQGNTERTVWQYHFRTWPDHGVPSDPGGVLDFLEEVHHKQESIMDAGPVVVHCSAGIGRTGTFIVIDILIDIIR
EKGVDCDIDVPKTIQMVRSQRSGMVQTEAQYRSIYMAVQHYIETL
;
_entity_poly.pdbx_strand_id   A,B
#
loop_
_chem_comp.id
_chem_comp.type
_chem_comp.name
_chem_comp.formula
5OD non-polymer 6-(4-azanyl-4-methyl-piperidin-1-yl)-3-[2,3-bis(chloranyl)phenyl]pyrazin-2-amine 'C16 H19 Cl2 N5'
#
# COMPACT_ATOMS: atom_id res chain seq x y z
N ARG A 4 17.12 -30.70 -22.51
CA ARG A 4 15.85 -30.84 -21.76
C ARG A 4 14.68 -31.01 -22.74
N ARG A 5 14.86 -31.87 -23.75
CA ARG A 5 13.87 -32.11 -24.84
C ARG A 5 12.65 -32.85 -24.29
N TRP A 6 12.84 -33.65 -23.23
CA TRP A 6 11.77 -34.45 -22.56
C TRP A 6 10.65 -33.56 -22.03
N PHE A 7 10.79 -32.23 -22.05
CA PHE A 7 9.69 -31.30 -21.68
C PHE A 7 8.93 -30.87 -22.94
N HIS A 8 7.62 -31.15 -22.99
CA HIS A 8 6.69 -30.77 -24.09
C HIS A 8 5.78 -29.63 -23.63
N PRO A 9 6.02 -28.38 -24.09
CA PRO A 9 5.34 -27.21 -23.52
C PRO A 9 3.82 -27.11 -23.79
N ASN A 10 3.33 -27.68 -24.89
CA ASN A 10 1.92 -27.55 -25.33
C ASN A 10 1.37 -28.94 -25.67
N ILE A 11 1.27 -29.82 -24.68
CA ILE A 11 0.77 -31.22 -24.83
C ILE A 11 -0.37 -31.43 -23.83
N THR A 12 -1.34 -32.28 -24.18
CA THR A 12 -2.43 -32.76 -23.28
C THR A 12 -2.11 -34.20 -22.88
N GLY A 13 -2.66 -34.65 -21.74
CA GLY A 13 -2.53 -36.03 -21.25
C GLY A 13 -2.73 -37.07 -22.34
N VAL A 14 -3.74 -36.87 -23.20
CA VAL A 14 -4.15 -37.80 -24.29
C VAL A 14 -3.03 -37.85 -25.34
N GLU A 15 -2.54 -36.67 -25.74
CA GLU A 15 -1.43 -36.52 -26.71
C GLU A 15 -0.19 -37.23 -26.15
N ALA A 16 0.00 -37.17 -24.82
CA ALA A 16 1.19 -37.71 -24.14
C ALA A 16 1.10 -39.25 -24.10
N GLU A 17 -0.04 -39.80 -23.70
CA GLU A 17 -0.29 -41.27 -23.73
C GLU A 17 -0.01 -41.76 -25.15
N ASN A 18 -0.71 -41.16 -26.13
CA ASN A 18 -0.53 -41.44 -27.57
C ASN A 18 0.98 -41.52 -27.86
N LEU A 19 1.69 -40.42 -27.60
CA LEU A 19 3.15 -40.26 -27.88
C LEU A 19 3.93 -41.42 -27.28
N LEU A 20 3.66 -41.72 -26.00
CA LEU A 20 4.39 -42.76 -25.23
C LEU A 20 4.02 -44.15 -25.76
N LEU A 21 2.75 -44.34 -26.16
CA LEU A 21 2.22 -45.66 -26.62
C LEU A 21 2.70 -45.96 -28.05
N THR A 22 2.84 -44.94 -28.91
CA THR A 22 3.15 -45.12 -30.35
C THR A 22 4.64 -44.88 -30.65
N ARG A 23 5.29 -43.92 -29.97
CA ARG A 23 6.70 -43.53 -30.26
C ARG A 23 7.61 -43.82 -29.07
N GLY A 24 7.08 -44.40 -27.98
CA GLY A 24 7.84 -44.80 -26.79
C GLY A 24 7.85 -46.31 -26.58
N VAL A 25 8.64 -46.76 -25.60
CA VAL A 25 8.74 -48.16 -25.12
C VAL A 25 8.57 -48.11 -23.60
N ASP A 26 8.70 -49.22 -22.88
CA ASP A 26 8.61 -49.22 -21.41
C ASP A 26 9.88 -48.56 -20.84
N GLY A 27 9.69 -47.58 -19.94
CA GLY A 27 10.75 -46.73 -19.38
C GLY A 27 10.84 -45.41 -20.11
N SER A 28 10.05 -45.21 -21.18
CA SER A 28 9.90 -43.90 -21.86
C SER A 28 9.14 -42.96 -20.94
N PHE A 29 9.43 -41.67 -21.03
CA PHE A 29 8.84 -40.63 -20.17
C PHE A 29 8.97 -39.26 -20.83
N LEU A 30 8.03 -38.37 -20.48
CA LEU A 30 8.19 -36.91 -20.65
C LEU A 30 7.54 -36.20 -19.46
N ALA A 31 7.69 -34.88 -19.43
CA ALA A 31 7.04 -33.97 -18.46
C ALA A 31 6.19 -32.97 -19.24
N ARG A 32 5.10 -32.47 -18.66
CA ARG A 32 4.18 -31.54 -19.35
C ARG A 32 3.55 -30.58 -18.34
N PRO A 33 3.23 -29.34 -18.78
CA PRO A 33 2.42 -28.42 -17.98
C PRO A 33 0.98 -28.91 -17.88
N SER A 34 0.37 -28.81 -16.71
CA SER A 34 -1.02 -29.28 -16.42
C SER A 34 -2.00 -28.12 -16.59
N ASP A 40 1.75 -26.13 -11.57
CA ASP A 40 1.86 -27.59 -11.35
C ASP A 40 2.11 -28.28 -12.70
N LEU A 41 2.82 -29.41 -12.69
CA LEU A 41 3.32 -30.13 -13.88
C LEU A 41 2.93 -31.61 -13.76
N THR A 42 3.02 -32.38 -14.84
CA THR A 42 2.74 -33.84 -14.85
C THR A 42 3.93 -34.61 -15.45
N LEU A 43 4.40 -35.64 -14.75
CA LEU A 43 5.45 -36.57 -15.24
C LEU A 43 4.77 -37.82 -15.81
N SER A 44 4.80 -37.97 -17.15
CA SER A 44 4.13 -39.07 -17.88
C SER A 44 5.16 -40.15 -18.25
N VAL A 45 4.88 -41.39 -17.87
CA VAL A 45 5.86 -42.53 -17.86
C VAL A 45 5.15 -43.79 -18.34
N ARG A 46 5.73 -44.47 -19.34
CA ARG A 46 5.21 -45.75 -19.90
C ARG A 46 5.76 -46.91 -19.06
N ARG A 47 4.88 -47.87 -18.76
CA ARG A 47 5.18 -49.05 -17.90
C ARG A 47 4.21 -50.17 -18.27
N ASN A 48 4.71 -51.38 -18.51
CA ASN A 48 3.90 -52.57 -18.88
C ASN A 48 2.96 -52.22 -20.04
N GLY A 49 3.36 -51.31 -20.93
CA GLY A 49 2.56 -50.86 -22.08
C GLY A 49 1.36 -50.01 -21.66
N ALA A 50 1.41 -49.40 -20.48
CA ALA A 50 0.41 -48.41 -19.99
C ALA A 50 1.12 -47.15 -19.45
N VAL A 51 0.39 -46.05 -19.32
CA VAL A 51 0.97 -44.73 -18.92
C VAL A 51 0.48 -44.36 -17.51
N THR A 52 1.42 -44.00 -16.63
CA THR A 52 1.19 -43.41 -15.28
C THR A 52 1.46 -41.91 -15.38
N HIS A 53 0.61 -41.08 -14.78
CA HIS A 53 0.77 -39.60 -14.72
C HIS A 53 1.05 -39.18 -13.28
N ILE A 54 2.33 -38.93 -12.98
CA ILE A 54 2.83 -38.53 -11.63
C ILE A 54 2.68 -37.02 -11.52
N LYS A 55 1.97 -36.55 -10.49
CA LYS A 55 1.66 -35.11 -10.26
C LYS A 55 2.87 -34.43 -9.61
N ILE A 56 3.25 -33.26 -10.13
CA ILE A 56 4.33 -32.38 -9.57
C ILE A 56 3.71 -31.00 -9.34
N GLN A 57 3.82 -30.46 -8.12
CA GLN A 57 3.24 -29.15 -7.75
C GLN A 57 4.36 -28.17 -7.38
N ASN A 58 4.26 -26.94 -7.89
CA ASN A 58 5.12 -25.81 -7.49
C ASN A 58 4.23 -24.58 -7.31
N THR A 59 4.04 -24.16 -6.06
CA THR A 59 3.30 -22.94 -5.66
C THR A 59 4.31 -21.87 -5.22
N GLY A 60 5.61 -22.10 -5.36
CA GLY A 60 6.62 -21.02 -5.30
C GLY A 60 7.84 -21.34 -4.45
N ASP A 61 7.86 -22.49 -3.77
CA ASP A 61 8.96 -22.85 -2.83
C ASP A 61 9.82 -23.95 -3.47
N TYR A 62 9.20 -24.91 -4.16
CA TYR A 62 9.88 -26.08 -4.75
C TYR A 62 8.90 -26.88 -5.61
N TYR A 63 9.45 -27.83 -6.35
CA TYR A 63 8.73 -28.88 -7.10
C TYR A 63 8.46 -30.04 -6.14
N ASP A 64 7.20 -30.27 -5.75
CA ASP A 64 6.80 -31.41 -4.87
C ASP A 64 6.20 -32.51 -5.75
N LEU A 65 6.95 -33.58 -5.97
CA LEU A 65 6.44 -34.76 -6.69
C LEU A 65 5.61 -35.59 -5.70
N TYR A 66 4.35 -35.88 -6.04
CA TYR A 66 3.45 -36.73 -5.22
C TYR A 66 4.09 -38.12 -5.09
N GLY A 67 4.31 -38.55 -3.85
CA GLY A 67 4.88 -39.87 -3.52
C GLY A 67 6.38 -39.90 -3.67
N GLY A 68 7.01 -38.72 -3.81
CA GLY A 68 8.47 -38.56 -4.04
C GLY A 68 9.07 -37.45 -3.20
N GLU A 69 10.23 -36.93 -3.63
CA GLU A 69 11.02 -35.93 -2.89
C GLU A 69 10.73 -34.53 -3.43
N LYS A 70 11.29 -33.51 -2.76
CA LYS A 70 11.22 -32.08 -3.15
C LYS A 70 12.49 -31.73 -3.91
N PHE A 71 12.36 -31.00 -5.02
CA PHE A 71 13.48 -30.66 -5.93
C PHE A 71 13.48 -29.16 -6.25
N ALA A 72 14.67 -28.62 -6.53
CA ALA A 72 14.91 -27.22 -6.91
C ALA A 72 14.59 -27.01 -8.40
N THR A 73 14.77 -28.04 -9.21
CA THR A 73 14.71 -27.93 -10.70
C THR A 73 14.06 -29.18 -11.27
N LEU A 74 13.29 -29.03 -12.35
CA LEU A 74 12.65 -30.18 -13.04
C LEU A 74 13.76 -31.07 -13.62
N ALA A 75 14.81 -30.47 -14.17
CA ALA A 75 16.01 -31.17 -14.71
C ALA A 75 16.68 -31.99 -13.60
N GLU A 76 16.79 -31.43 -12.40
CA GLU A 76 17.48 -32.06 -11.24
C GLU A 76 16.60 -33.17 -10.69
N LEU A 77 15.29 -33.08 -10.90
CA LEU A 77 14.29 -34.12 -10.53
C LEU A 77 14.52 -35.34 -11.42
N VAL A 78 14.55 -35.13 -12.73
CA VAL A 78 14.76 -36.20 -13.75
C VAL A 78 16.14 -36.83 -13.50
N GLN A 79 17.18 -36.00 -13.32
CA GLN A 79 18.56 -36.46 -13.07
C GLN A 79 18.57 -37.46 -11.90
N TYR A 80 17.87 -37.11 -10.81
CA TYR A 80 17.83 -37.86 -9.52
C TYR A 80 17.24 -39.25 -9.73
N TYR A 81 16.10 -39.36 -10.43
CA TYR A 81 15.35 -40.63 -10.59
C TYR A 81 15.98 -41.50 -11.68
N MET A 82 16.65 -40.87 -12.66
CA MET A 82 17.35 -41.62 -13.73
C MET A 82 18.60 -42.29 -13.15
N GLU A 83 19.24 -41.71 -12.13
CA GLU A 83 20.44 -42.26 -11.45
C GLU A 83 20.02 -43.00 -10.16
N HIS A 84 19.21 -42.36 -9.31
CA HIS A 84 18.70 -42.89 -8.01
C HIS A 84 17.43 -43.72 -8.31
N HIS A 85 17.57 -44.79 -9.09
CA HIS A 85 16.47 -45.66 -9.58
C HIS A 85 15.80 -46.39 -8.42
N GLY A 86 14.51 -46.72 -8.55
CA GLY A 86 13.73 -47.48 -7.56
C GLY A 86 13.01 -46.59 -6.55
N GLN A 87 13.27 -45.28 -6.54
CA GLN A 87 12.71 -44.33 -5.53
C GLN A 87 11.34 -43.78 -5.98
N LEU A 88 10.87 -44.17 -7.16
CA LEU A 88 9.67 -43.59 -7.81
C LEU A 88 8.52 -44.62 -7.79
N LYS A 89 7.32 -44.18 -7.41
CA LYS A 89 6.06 -44.97 -7.33
C LYS A 89 5.43 -45.10 -8.72
N ASN A 92 0.63 -46.52 -6.44
CA ASN A 92 0.64 -47.74 -5.59
C ASN A 92 2.06 -47.97 -5.03
N GLY A 93 2.92 -46.94 -5.04
CA GLY A 93 4.32 -47.07 -4.59
C GLY A 93 5.12 -48.04 -5.45
N ASP A 94 4.56 -48.56 -6.53
CA ASP A 94 5.20 -49.55 -7.44
C ASP A 94 6.43 -48.88 -8.06
N VAL A 95 7.52 -49.64 -8.29
CA VAL A 95 8.79 -49.14 -8.90
C VAL A 95 8.50 -48.63 -10.32
N ILE A 96 8.58 -47.31 -10.54
CA ILE A 96 8.43 -46.65 -11.87
C ILE A 96 9.82 -46.20 -12.33
N GLU A 97 10.20 -46.55 -13.56
CA GLU A 97 11.56 -46.32 -14.12
C GLU A 97 11.49 -45.20 -15.18
N LEU A 98 12.31 -44.15 -15.01
CA LEU A 98 12.63 -43.17 -16.09
C LEU A 98 13.91 -43.68 -16.77
N LYS A 99 13.76 -44.39 -17.89
CA LYS A 99 14.88 -44.97 -18.67
C LYS A 99 15.12 -44.16 -19.93
N TYR A 100 14.05 -43.86 -20.69
CA TYR A 100 14.11 -43.30 -22.07
C TYR A 100 13.32 -41.99 -22.14
N PRO A 101 13.98 -40.83 -22.28
CA PRO A 101 13.29 -39.58 -22.59
C PRO A 101 12.65 -39.63 -23.98
N LEU A 102 11.40 -39.20 -24.12
CA LEU A 102 10.78 -38.90 -25.43
C LEU A 102 10.95 -37.41 -25.70
N ASN A 103 11.79 -37.06 -26.68
CA ASN A 103 12.19 -35.66 -26.98
C ASN A 103 11.08 -34.96 -27.77
N CYS A 104 10.87 -33.69 -27.44
CA CYS A 104 9.89 -32.77 -28.08
C CYS A 104 10.57 -32.10 -29.27
N ALA A 105 9.84 -31.88 -30.36
CA ALA A 105 10.34 -31.28 -31.63
C ALA A 105 9.68 -29.91 -31.84
N ASP A 106 8.70 -29.57 -31.01
CA ASP A 106 8.05 -28.23 -30.97
C ASP A 106 9.11 -27.21 -30.57
N PRO A 107 9.41 -26.20 -31.41
CA PRO A 107 10.49 -25.26 -31.13
C PRO A 107 10.08 -23.98 -30.40
N THR A 108 8.90 -23.94 -29.75
CA THR A 108 8.32 -22.69 -29.16
C THR A 108 9.14 -22.24 -27.96
N SER A 109 9.77 -23.17 -27.24
CA SER A 109 10.62 -22.90 -26.03
C SER A 109 12.08 -22.67 -26.40
N GLU A 110 12.41 -22.43 -27.68
CA GLU A 110 13.80 -22.18 -28.12
C GLU A 110 14.03 -20.66 -28.14
N ARG A 111 15.25 -20.23 -27.82
CA ARG A 111 15.68 -18.82 -27.69
C ARG A 111 15.74 -18.13 -29.07
N TRP A 112 15.88 -18.91 -30.14
CA TRP A 112 16.14 -18.42 -31.52
C TRP A 112 14.88 -18.57 -32.38
N PHE A 113 13.77 -19.05 -31.81
CA PHE A 113 12.51 -19.25 -32.57
C PHE A 113 11.54 -18.09 -32.33
N HIS A 114 11.64 -17.04 -33.14
CA HIS A 114 10.64 -15.95 -33.22
C HIS A 114 9.73 -16.29 -34.41
N GLY A 115 8.80 -17.22 -34.22
CA GLY A 115 7.94 -17.81 -35.28
C GLY A 115 7.37 -16.78 -36.24
N HIS A 116 6.47 -15.90 -35.79
CA HIS A 116 5.62 -15.10 -36.72
C HIS A 116 6.34 -13.85 -37.22
N LEU A 117 7.63 -13.70 -36.94
CA LEU A 117 8.47 -12.53 -37.34
C LEU A 117 8.45 -12.39 -38.86
N SER A 118 8.29 -11.15 -39.36
CA SER A 118 8.41 -10.81 -40.81
C SER A 118 9.89 -10.82 -41.19
N GLY A 119 10.19 -11.00 -42.48
CA GLY A 119 11.55 -11.00 -43.04
C GLY A 119 12.23 -9.66 -42.87
N LYS A 120 11.43 -8.58 -42.98
CA LYS A 120 11.92 -7.17 -42.88
C LYS A 120 12.16 -6.83 -41.41
N GLU A 121 11.22 -7.23 -40.54
CA GLU A 121 11.29 -6.93 -39.09
C GLU A 121 12.50 -7.68 -38.51
N ALA A 122 12.72 -8.94 -38.93
CA ALA A 122 13.85 -9.79 -38.50
C ALA A 122 15.19 -9.19 -38.96
N GLU A 123 15.21 -8.56 -40.14
CA GLU A 123 16.42 -7.89 -40.72
C GLU A 123 16.79 -6.67 -39.85
N LYS A 124 15.79 -5.96 -39.35
CA LYS A 124 15.95 -4.70 -38.56
C LYS A 124 16.49 -5.05 -37.16
N LEU A 125 15.87 -6.05 -36.52
CA LEU A 125 16.28 -6.60 -35.19
C LEU A 125 17.74 -7.04 -35.29
N LEU A 126 18.08 -7.88 -36.27
CA LEU A 126 19.46 -8.38 -36.50
C LEU A 126 20.39 -7.19 -36.79
N THR A 127 19.88 -6.09 -37.32
CA THR A 127 20.72 -4.92 -37.69
C THR A 127 20.92 -4.01 -36.46
N GLU A 128 19.88 -3.84 -35.63
CA GLU A 128 19.90 -2.92 -34.46
C GLU A 128 20.53 -3.61 -33.23
N LYS A 129 20.26 -4.90 -33.02
CA LYS A 129 20.62 -5.64 -31.77
C LYS A 129 21.69 -6.71 -32.02
N GLY A 130 21.82 -7.18 -33.27
CA GLY A 130 22.65 -8.35 -33.62
C GLY A 130 24.13 -8.01 -33.65
N LYS A 131 24.97 -9.01 -33.41
CA LYS A 131 26.44 -9.00 -33.64
C LYS A 131 26.77 -10.15 -34.61
N HIS A 132 28.06 -10.41 -34.86
CA HIS A 132 28.51 -11.54 -35.70
C HIS A 132 28.07 -12.84 -35.05
N GLY A 133 27.08 -13.52 -35.65
CA GLY A 133 26.65 -14.87 -35.25
C GLY A 133 25.27 -14.85 -34.62
N SER A 134 24.69 -13.67 -34.41
CA SER A 134 23.27 -13.55 -33.98
C SER A 134 22.41 -14.15 -35.09
N PHE A 135 21.56 -15.12 -34.73
CA PHE A 135 20.66 -15.85 -35.65
C PHE A 135 19.29 -15.97 -35.00
N LEU A 136 18.31 -16.32 -35.82
CA LEU A 136 16.91 -16.57 -35.41
C LEU A 136 16.29 -17.47 -36.47
N VAL A 137 15.25 -18.21 -36.12
CA VAL A 137 14.43 -18.98 -37.10
C VAL A 137 13.02 -18.41 -37.05
N ARG A 138 12.43 -18.19 -38.22
CA ARG A 138 11.06 -17.63 -38.38
C ARG A 138 10.28 -18.50 -39.37
N GLU A 139 8.94 -18.43 -39.27
CA GLU A 139 8.00 -19.10 -40.21
C GLU A 139 8.11 -18.42 -41.56
N SER A 140 8.09 -19.19 -42.65
CA SER A 140 8.33 -18.72 -44.04
C SER A 140 7.35 -17.61 -44.41
N GLN A 141 7.90 -16.56 -45.04
CA GLN A 141 7.21 -15.32 -45.46
C GLN A 141 6.19 -15.65 -46.55
N SER A 142 6.58 -16.34 -47.62
CA SER A 142 5.73 -16.55 -48.83
C SER A 142 5.20 -18.00 -48.90
N HIS A 143 6.07 -18.99 -48.76
CA HIS A 143 5.72 -20.44 -48.92
C HIS A 143 5.48 -21.05 -47.54
N PRO A 144 4.22 -21.12 -47.03
CA PRO A 144 3.96 -21.47 -45.64
C PRO A 144 4.25 -22.93 -45.26
N GLY A 145 4.40 -23.19 -43.95
CA GLY A 145 4.80 -24.50 -43.39
C GLY A 145 6.32 -24.65 -43.36
N ASP A 146 7.05 -23.83 -44.11
CA ASP A 146 8.53 -23.83 -44.19
C ASP A 146 9.09 -22.74 -43.26
N PHE A 147 10.42 -22.66 -43.13
CA PHE A 147 11.09 -21.83 -42.10
C PHE A 147 12.25 -21.07 -42.73
N VAL A 148 12.67 -19.96 -42.13
CA VAL A 148 13.83 -19.17 -42.61
C VAL A 148 14.82 -19.01 -41.45
N LEU A 149 16.06 -19.43 -41.65
CA LEU A 149 17.18 -19.11 -40.73
C LEU A 149 17.87 -17.86 -41.26
N SER A 150 17.87 -16.80 -40.45
CA SER A 150 18.54 -15.51 -40.76
C SER A 150 19.69 -15.31 -39.78
N VAL A 151 20.91 -15.17 -40.28
CA VAL A 151 22.15 -15.03 -39.46
C VAL A 151 22.85 -13.73 -39.85
N ARG A 152 23.41 -13.02 -38.87
CA ARG A 152 24.24 -11.82 -39.09
C ARG A 152 25.71 -12.23 -39.06
N THR A 153 26.50 -11.80 -40.05
CA THR A 153 27.96 -12.03 -40.16
C THR A 153 28.67 -10.70 -40.39
N GLY A 154 29.85 -10.53 -39.79
CA GLY A 154 30.74 -9.40 -40.06
C GLY A 154 31.68 -9.07 -38.92
N ASP A 155 32.10 -7.79 -38.88
CA ASP A 155 33.13 -7.23 -37.97
C ASP A 155 32.45 -6.19 -37.05
N ASN A 161 27.30 1.41 -41.15
CA ASN A 161 26.96 1.26 -42.59
C ASN A 161 28.25 1.09 -43.42
N ASP A 162 29.34 0.62 -42.80
CA ASP A 162 30.61 0.29 -43.51
C ASP A 162 30.39 -0.84 -44.51
N GLY A 163 29.34 -1.66 -44.32
CA GLY A 163 29.10 -2.87 -45.13
C GLY A 163 30.08 -3.97 -44.79
N LYS A 164 30.77 -3.86 -43.64
CA LYS A 164 31.68 -4.90 -43.12
C LYS A 164 30.85 -5.96 -42.38
N SER A 165 29.53 -5.79 -42.32
CA SER A 165 28.57 -6.80 -41.79
C SER A 165 27.42 -7.02 -42.77
N LYS A 166 26.64 -8.09 -42.57
CA LYS A 166 25.58 -8.54 -43.51
C LYS A 166 24.63 -9.53 -42.82
N VAL A 167 23.38 -9.56 -43.27
CA VAL A 167 22.34 -10.50 -42.78
C VAL A 167 22.07 -11.51 -43.90
N THR A 168 22.44 -12.77 -43.70
CA THR A 168 22.24 -13.87 -44.68
C THR A 168 20.96 -14.63 -44.31
N HIS A 169 20.11 -14.90 -45.30
CA HIS A 169 18.87 -15.73 -45.12
C HIS A 169 19.14 -17.14 -45.68
N VAL A 170 18.59 -18.15 -45.03
CA VAL A 170 18.74 -19.57 -45.45
C VAL A 170 17.36 -20.20 -45.32
N MET A 171 16.74 -20.48 -46.47
CA MET A 171 15.44 -21.21 -46.56
C MET A 171 15.60 -22.55 -45.84
N ILE A 172 14.62 -22.90 -45.01
CA ILE A 172 14.48 -24.25 -44.39
C ILE A 172 13.17 -24.84 -44.87
N ARG A 173 13.27 -25.93 -45.64
CA ARG A 173 12.12 -26.66 -46.21
C ARG A 173 11.64 -27.69 -45.18
N CYS A 174 10.34 -27.75 -44.96
CA CYS A 174 9.67 -28.85 -44.22
C CYS A 174 9.08 -29.81 -45.27
N GLN A 175 9.67 -31.00 -45.42
CA GLN A 175 9.24 -32.03 -46.41
C GLN A 175 8.92 -33.31 -45.66
N GLU A 176 7.64 -33.73 -45.66
CA GLU A 176 7.17 -34.96 -44.98
C GLU A 176 7.66 -34.96 -43.52
N LEU A 177 7.47 -33.83 -42.82
CA LEU A 177 7.77 -33.65 -41.36
C LEU A 177 9.27 -33.73 -41.08
N LYS A 178 10.13 -33.47 -42.09
CA LYS A 178 11.60 -33.39 -41.90
C LYS A 178 12.07 -32.04 -42.44
N TYR A 179 13.23 -31.55 -41.97
CA TYR A 179 13.72 -30.17 -42.24
C TYR A 179 15.11 -30.24 -42.90
N ASP A 180 15.33 -29.41 -43.92
CA ASP A 180 16.59 -29.35 -44.69
C ASP A 180 16.88 -27.90 -45.09
N VAL A 181 18.15 -27.62 -45.41
CA VAL A 181 18.63 -26.31 -45.94
C VAL A 181 18.83 -26.41 -47.46
N GLY A 182 18.01 -27.24 -48.12
CA GLY A 182 18.05 -27.45 -49.58
C GLY A 182 18.97 -28.60 -50.01
N GLY A 183 19.63 -29.28 -49.06
CA GLY A 183 20.51 -30.43 -49.34
C GLY A 183 20.99 -31.11 -48.07
N GLY A 184 21.63 -32.27 -48.21
CA GLY A 184 22.34 -32.98 -47.11
C GLY A 184 21.40 -33.78 -46.24
N GLU A 185 21.57 -33.72 -44.92
CA GLU A 185 20.79 -34.48 -43.91
C GLU A 185 19.38 -33.90 -43.81
N ARG A 186 18.39 -34.72 -43.46
CA ARG A 186 17.01 -34.30 -43.16
C ARG A 186 16.75 -34.57 -41.66
N PHE A 187 16.41 -33.51 -40.92
CA PHE A 187 16.25 -33.49 -39.44
C PHE A 187 14.76 -33.58 -39.09
N ASP A 188 14.44 -34.26 -37.98
CA ASP A 188 13.03 -34.52 -37.57
C ASP A 188 12.49 -33.31 -36.79
N SER A 189 13.32 -32.29 -36.55
CA SER A 189 12.97 -31.06 -35.80
C SER A 189 13.89 -29.91 -36.21
N LEU A 190 13.46 -28.67 -35.98
CA LEU A 190 14.30 -27.47 -36.28
C LEU A 190 15.49 -27.48 -35.32
N THR A 191 15.26 -27.86 -34.07
CA THR A 191 16.31 -27.92 -33.01
C THR A 191 17.46 -28.75 -33.56
N ASP A 192 17.14 -29.96 -34.04
CA ASP A 192 18.11 -30.94 -34.62
C ASP A 192 18.87 -30.27 -35.76
N LEU A 193 18.19 -29.49 -36.62
CA LEU A 193 18.84 -28.75 -37.74
C LEU A 193 19.76 -27.67 -37.15
N VAL A 194 19.27 -26.89 -36.17
CA VAL A 194 20.03 -25.74 -35.60
C VAL A 194 21.27 -26.30 -34.91
N GLU A 195 21.11 -27.36 -34.13
CA GLU A 195 22.21 -27.95 -33.31
C GLU A 195 23.29 -28.49 -34.24
N HIS A 196 22.89 -29.06 -35.38
CA HIS A 196 23.81 -29.59 -36.42
C HIS A 196 24.61 -28.45 -37.05
N TYR A 197 23.94 -27.40 -37.51
CA TYR A 197 24.58 -26.29 -38.27
C TYR A 197 25.29 -25.35 -37.30
N LYS A 198 25.05 -25.47 -35.99
CA LYS A 198 25.86 -24.78 -34.95
C LYS A 198 27.24 -25.43 -34.94
N LYS A 199 27.31 -26.75 -34.74
CA LYS A 199 28.59 -27.51 -34.67
C LYS A 199 29.20 -27.62 -36.06
N ASN A 200 28.37 -27.75 -37.11
CA ASN A 200 28.84 -27.93 -38.50
C ASN A 200 28.37 -26.73 -39.35
N PRO A 201 29.03 -25.55 -39.24
CA PRO A 201 28.54 -24.35 -39.91
C PRO A 201 28.50 -24.47 -41.45
N MET A 202 27.47 -23.90 -42.07
CA MET A 202 27.36 -23.75 -43.55
C MET A 202 28.43 -22.75 -44.00
N VAL A 203 29.19 -23.11 -45.03
CA VAL A 203 30.20 -22.21 -45.68
C VAL A 203 29.63 -21.78 -47.03
N GLU A 204 29.61 -20.49 -47.28
CA GLU A 204 29.00 -19.87 -48.48
C GLU A 204 30.03 -19.88 -49.60
N THR A 205 29.56 -19.84 -50.84
CA THR A 205 30.34 -19.48 -52.05
C THR A 205 31.19 -18.25 -51.72
N LEU A 206 32.48 -18.28 -52.07
CA LEU A 206 33.45 -17.19 -51.80
C LEU A 206 33.78 -17.10 -50.31
N GLY A 207 33.50 -18.17 -49.55
CA GLY A 207 34.19 -18.51 -48.29
C GLY A 207 33.40 -18.21 -47.01
N THR A 208 32.39 -17.33 -47.06
CA THR A 208 31.72 -16.80 -45.84
C THR A 208 31.09 -17.95 -45.05
N VAL A 209 31.45 -18.08 -43.78
CA VAL A 209 30.95 -19.15 -42.86
C VAL A 209 29.76 -18.60 -42.07
N LEU A 210 28.57 -19.18 -42.28
CA LEU A 210 27.30 -18.76 -41.62
C LEU A 210 27.26 -19.35 -40.21
N GLN A 211 28.03 -18.75 -39.30
CA GLN A 211 28.26 -19.28 -37.93
C GLN A 211 27.10 -18.89 -37.02
N LEU A 212 26.51 -19.87 -36.35
CA LEU A 212 25.40 -19.70 -35.39
C LEU A 212 25.98 -19.65 -33.98
N LYS A 213 26.39 -18.46 -33.53
CA LYS A 213 27.16 -18.24 -32.28
C LYS A 213 26.18 -18.10 -31.12
N GLN A 214 25.31 -17.09 -31.15
CA GLN A 214 24.34 -16.79 -30.06
C GLN A 214 23.00 -16.38 -30.67
N PRO A 215 21.86 -16.85 -30.13
CA PRO A 215 20.56 -16.40 -30.59
C PRO A 215 20.43 -14.89 -30.44
N LEU A 216 19.66 -14.24 -31.31
CA LEU A 216 19.37 -12.79 -31.21
C LEU A 216 18.71 -12.55 -29.85
N ASN A 217 19.18 -11.52 -29.13
CA ASN A 217 18.62 -11.08 -27.83
C ASN A 217 17.43 -10.16 -28.11
N THR A 218 16.22 -10.59 -27.71
CA THR A 218 14.98 -9.80 -27.80
C THR A 218 14.40 -9.58 -26.39
N THR A 219 15.08 -10.07 -25.35
CA THR A 219 14.57 -10.01 -23.95
C THR A 219 15.07 -8.74 -23.28
N ARG A 220 16.28 -8.27 -23.63
CA ARG A 220 16.88 -7.01 -23.13
C ARG A 220 16.04 -5.83 -23.61
N ILE A 221 15.63 -4.96 -22.69
CA ILE A 221 14.93 -3.68 -23.01
C ILE A 221 15.66 -2.55 -22.29
N ASN A 222 15.38 -1.31 -22.68
CA ASN A 222 15.80 -0.12 -21.92
C ASN A 222 14.77 0.07 -20.80
N ALA A 223 15.22 0.35 -19.57
CA ALA A 223 14.38 0.34 -18.34
C ALA A 223 13.17 1.26 -18.54
N ALA A 224 13.39 2.41 -19.17
CA ALA A 224 12.37 3.44 -19.46
C ALA A 224 11.14 2.83 -20.15
N GLU A 225 11.33 1.80 -20.99
CA GLU A 225 10.25 1.20 -21.84
C GLU A 225 9.74 -0.12 -21.22
N ILE A 226 9.77 -0.26 -19.89
CA ILE A 226 9.25 -1.46 -19.15
C ILE A 226 7.74 -1.59 -19.39
N GLU A 227 7.01 -0.47 -19.31
CA GLU A 227 5.51 -0.46 -19.39
C GLU A 227 5.08 -1.02 -20.75
N SER A 228 5.78 -0.64 -21.83
CA SER A 228 5.51 -1.11 -23.20
C SER A 228 5.72 -2.62 -23.27
N ARG A 229 6.85 -3.12 -22.75
CA ARG A 229 7.21 -4.57 -22.77
C ARG A 229 6.22 -5.38 -21.93
N VAL A 230 5.92 -4.93 -20.70
CA VAL A 230 5.03 -5.70 -19.78
C VAL A 230 3.66 -5.82 -20.47
N ARG A 231 3.25 -4.78 -21.20
CA ARG A 231 2.00 -4.74 -21.99
C ARG A 231 2.09 -5.73 -23.16
N GLU A 232 3.22 -5.78 -23.88
CA GLU A 232 3.45 -6.75 -24.99
C GLU A 232 3.36 -8.17 -24.43
N LEU A 233 4.05 -8.44 -23.31
CA LEU A 233 4.14 -9.79 -22.70
C LEU A 233 2.80 -10.19 -22.08
N SER A 234 1.89 -9.25 -21.84
CA SER A 234 0.55 -9.52 -21.24
C SER A 234 -0.43 -10.03 -22.32
N LYS A 235 -0.17 -9.71 -23.58
CA LYS A 235 -1.05 -10.10 -24.71
C LYS A 235 -0.94 -11.60 -24.96
N LEU A 236 -1.94 -12.17 -25.64
CA LEU A 236 -1.99 -13.62 -26.00
C LEU A 236 -1.10 -13.87 -27.22
N GLN A 245 0.04 -16.19 -22.51
CA GLN A 245 0.72 -14.88 -22.70
C GLN A 245 2.21 -15.08 -23.00
N GLY A 246 2.87 -14.01 -23.45
CA GLY A 246 4.33 -13.98 -23.69
C GLY A 246 5.12 -14.23 -22.42
N PHE A 247 4.58 -13.82 -21.27
CA PHE A 247 5.21 -14.01 -19.93
C PHE A 247 5.49 -15.50 -19.72
N TRP A 248 4.50 -16.36 -19.98
CA TRP A 248 4.61 -17.83 -19.93
C TRP A 248 5.60 -18.31 -21.00
N GLU A 249 5.53 -17.75 -22.22
CA GLU A 249 6.42 -18.11 -23.37
C GLU A 249 7.88 -17.82 -23.01
N GLU A 250 8.16 -16.63 -22.47
CA GLU A 250 9.51 -16.16 -22.08
C GLU A 250 10.04 -17.06 -20.95
N PHE A 251 9.24 -17.23 -19.90
CA PHE A 251 9.58 -18.02 -18.70
C PHE A 251 10.01 -19.44 -19.11
N GLU A 252 9.22 -20.08 -19.98
CA GLU A 252 9.44 -21.50 -20.35
C GLU A 252 10.72 -21.62 -21.17
N THR A 253 11.06 -20.59 -21.95
CA THR A 253 12.33 -20.52 -22.70
C THR A 253 13.48 -20.50 -21.67
N LEU A 254 13.24 -19.89 -20.52
CA LEU A 254 14.22 -19.80 -19.42
C LEU A 254 14.32 -21.16 -18.70
N GLN A 255 13.18 -21.85 -18.49
CA GLN A 255 13.19 -23.17 -17.82
C GLN A 255 14.02 -24.14 -18.67
N GLN A 256 13.97 -24.01 -19.99
CA GLN A 256 14.60 -24.97 -20.94
C GLN A 256 16.12 -24.83 -20.91
N GLN A 257 16.67 -23.85 -20.18
CA GLN A 257 18.14 -23.65 -20.10
C GLN A 257 18.63 -24.12 -18.73
N GLU A 258 17.72 -24.53 -17.84
CA GLU A 258 18.06 -25.02 -16.47
C GLU A 258 18.94 -26.28 -16.57
N CYS A 259 19.01 -26.90 -17.77
CA CYS A 259 19.77 -28.14 -18.07
CA CYS A 259 19.78 -28.15 -18.02
C CYS A 259 21.26 -27.84 -18.27
N LYS A 260 21.62 -26.57 -18.42
CA LYS A 260 23.03 -26.14 -18.54
C LYS A 260 23.61 -25.82 -17.16
N LEU A 261 22.82 -26.01 -16.08
CA LEU A 261 23.17 -25.60 -14.69
C LEU A 261 23.11 -26.81 -13.74
N LEU A 262 23.33 -28.02 -14.24
CA LEU A 262 23.41 -29.25 -13.41
C LEU A 262 24.83 -29.39 -12.86
N TYR A 263 25.29 -28.39 -12.09
CA TYR A 263 26.63 -28.35 -11.44
C TYR A 263 26.61 -29.27 -10.22
N SER A 264 27.79 -29.67 -9.74
CA SER A 264 27.93 -30.68 -8.65
C SER A 264 27.40 -30.09 -7.33
N ARG A 265 26.79 -30.95 -6.51
CA ARG A 265 26.32 -30.63 -5.14
C ARG A 265 26.75 -31.77 -4.21
N LYS A 266 28.03 -32.12 -4.28
CA LYS A 266 28.63 -33.31 -3.62
C LYS A 266 28.61 -33.09 -2.10
N GLU A 267 29.17 -31.98 -1.62
CA GLU A 267 29.33 -31.66 -0.18
C GLU A 267 27.99 -31.73 0.56
N GLY A 268 26.90 -31.35 -0.11
CA GLY A 268 25.52 -31.39 0.44
C GLY A 268 24.97 -32.81 0.55
N GLN A 269 25.54 -33.76 -0.19
CA GLN A 269 25.07 -35.18 -0.26
C GLN A 269 25.93 -36.06 0.66
N ARG A 270 26.98 -35.49 1.27
CA ARG A 270 27.87 -36.23 2.19
C ARG A 270 27.08 -36.63 3.42
N GLN A 271 27.47 -37.75 4.05
CA GLN A 271 26.74 -38.40 5.16
C GLN A 271 26.48 -37.38 6.27
N GLU A 272 27.55 -36.74 6.75
CA GLU A 272 27.51 -35.86 7.94
C GLU A 272 26.66 -34.61 7.67
N ASN A 273 26.28 -34.38 6.41
CA ASN A 273 25.62 -33.12 5.98
C ASN A 273 24.16 -33.31 5.57
N LYS A 274 23.63 -34.54 5.54
CA LYS A 274 22.21 -34.74 5.12
C LYS A 274 21.29 -34.06 6.15
N ASN A 275 21.61 -34.15 7.44
CA ASN A 275 20.81 -33.65 8.58
C ASN A 275 20.75 -32.10 8.61
N LYS A 276 21.64 -31.43 7.89
CA LYS A 276 21.79 -29.96 7.90
C LYS A 276 21.02 -29.36 6.72
N ASN A 277 20.44 -30.21 5.87
CA ASN A 277 19.53 -29.77 4.77
C ASN A 277 18.08 -29.99 5.23
N ARG A 278 17.25 -28.98 5.02
CA ARG A 278 15.81 -29.02 5.38
C ARG A 278 15.07 -29.84 4.31
N TYR A 279 15.44 -29.65 3.06
CA TYR A 279 15.03 -30.51 1.92
C TYR A 279 16.29 -31.22 1.40
N LYS A 280 16.38 -32.53 1.54
CA LYS A 280 17.67 -33.25 1.39
C LYS A 280 18.18 -33.18 -0.07
N ASN A 281 17.31 -32.87 -1.04
CA ASN A 281 17.68 -32.82 -2.48
C ASN A 281 17.76 -31.37 -2.97
N ILE A 282 17.45 -30.38 -2.14
CA ILE A 282 17.68 -28.95 -2.51
C ILE A 282 19.02 -28.53 -1.91
N LEU A 283 20.09 -28.67 -2.69
CA LEU A 283 21.48 -28.62 -2.19
C LEU A 283 22.24 -27.47 -2.85
N PRO A 284 23.16 -26.83 -2.09
CA PRO A 284 24.00 -25.76 -2.64
C PRO A 284 25.02 -26.30 -3.64
N PHE A 285 25.26 -25.55 -4.71
CA PHE A 285 26.37 -25.77 -5.67
C PHE A 285 27.67 -25.66 -4.91
N ASP A 286 28.58 -26.62 -5.12
CA ASP A 286 29.89 -26.71 -4.45
C ASP A 286 30.71 -25.44 -4.76
N HIS A 287 30.60 -24.92 -5.98
CA HIS A 287 31.46 -23.84 -6.54
C HIS A 287 31.01 -22.45 -6.04
N THR A 288 29.88 -22.34 -5.34
CA THR A 288 29.36 -21.06 -4.78
C THR A 288 28.97 -21.17 -3.30
N ARG A 289 29.13 -22.35 -2.68
CA ARG A 289 28.56 -22.61 -1.34
C ARG A 289 29.35 -21.82 -0.30
N VAL A 290 28.72 -21.42 0.81
CA VAL A 290 29.45 -20.77 1.94
C VAL A 290 30.22 -21.87 2.69
N VAL A 291 31.54 -21.88 2.56
CA VAL A 291 32.43 -22.75 3.36
C VAL A 291 32.69 -22.05 4.70
N LEU A 292 32.37 -22.70 5.81
CA LEU A 292 32.61 -22.18 7.18
C LEU A 292 34.01 -22.64 7.64
N HIS A 293 34.84 -21.70 8.09
CA HIS A 293 36.19 -21.97 8.63
C HIS A 293 36.11 -21.87 10.16
N ASP A 294 37.13 -22.34 10.88
CA ASP A 294 37.24 -22.18 12.37
C ASP A 294 36.04 -22.86 13.04
N GLY A 295 35.87 -24.17 12.78
CA GLY A 295 34.86 -25.02 13.45
C GLY A 295 35.37 -26.44 13.64
N SER A 302 31.80 -29.67 9.55
CA SER A 302 31.96 -28.39 10.29
C SER A 302 32.07 -27.18 9.35
N ASP A 303 32.24 -27.38 8.03
CA ASP A 303 32.39 -26.27 7.03
C ASP A 303 31.12 -26.08 6.18
N TYR A 304 30.03 -26.81 6.45
CA TYR A 304 28.84 -26.89 5.57
C TYR A 304 27.69 -26.04 6.09
N ILE A 305 27.01 -25.35 5.16
CA ILE A 305 25.66 -24.75 5.40
C ILE A 305 24.94 -24.76 4.04
N ASN A 306 23.63 -25.07 4.02
CA ASN A 306 22.81 -24.96 2.78
C ASN A 306 22.67 -23.46 2.47
N ALA A 307 23.73 -22.88 1.92
CA ALA A 307 23.85 -21.44 1.61
C ALA A 307 24.79 -21.28 0.42
N ASN A 308 24.51 -20.28 -0.44
CA ASN A 308 25.29 -20.00 -1.66
C ASN A 308 25.54 -18.49 -1.75
N ILE A 309 26.75 -18.11 -2.17
CA ILE A 309 27.10 -16.68 -2.42
C ILE A 309 26.52 -16.29 -3.78
N ILE A 310 25.75 -15.20 -3.84
CA ILE A 310 25.14 -14.66 -5.09
C ILE A 310 25.80 -13.33 -5.44
N MET A 311 26.62 -13.32 -6.50
CA MET A 311 27.39 -12.15 -6.97
C MET A 311 26.85 -11.73 -8.33
N PRO A 312 26.17 -10.56 -8.43
CA PRO A 312 25.71 -10.01 -9.72
C PRO A 312 26.76 -9.98 -10.84
N LYS A 325 26.80 -4.79 -4.38
CA LYS A 325 26.04 -5.50 -3.31
C LYS A 325 25.95 -7.00 -3.65
N SER A 326 26.56 -7.89 -2.85
CA SER A 326 26.37 -9.36 -3.02
C SER A 326 25.36 -9.90 -1.99
N TYR A 327 24.92 -11.14 -2.19
CA TYR A 327 23.88 -11.80 -1.37
C TYR A 327 24.40 -13.18 -0.98
N ILE A 328 23.93 -13.70 0.14
CA ILE A 328 23.97 -15.16 0.45
C ILE A 328 22.53 -15.67 0.44
N ALA A 329 22.17 -16.49 -0.55
CA ALA A 329 20.84 -17.14 -0.65
C ALA A 329 20.87 -18.42 0.18
N THR A 330 19.89 -18.59 1.07
CA THR A 330 19.94 -19.76 1.99
C THR A 330 18.53 -20.19 2.40
N GLN A 331 18.48 -21.37 3.03
CA GLN A 331 17.25 -22.00 3.56
C GLN A 331 17.02 -21.49 5.00
N GLY A 332 15.75 -21.50 5.42
CA GLY A 332 15.36 -21.31 6.82
C GLY A 332 16.08 -22.29 7.72
N CYS A 333 16.46 -21.83 8.91
CA CYS A 333 17.28 -22.56 9.88
C CYS A 333 16.56 -23.83 10.32
N LEU A 334 17.33 -24.89 10.55
CA LEU A 334 16.93 -26.05 11.38
C LEU A 334 17.43 -25.82 12.82
N GLN A 335 16.85 -26.55 13.78
CA GLN A 335 17.28 -26.64 15.20
C GLN A 335 18.80 -26.87 15.23
N ASN A 336 19.29 -27.79 14.40
CA ASN A 336 20.69 -28.27 14.36
C ASN A 336 21.59 -27.38 13.48
N THR A 337 21.06 -26.31 12.85
CA THR A 337 21.84 -25.43 11.94
C THR A 337 21.87 -23.96 12.39
N VAL A 338 21.21 -23.58 13.50
CA VAL A 338 21.13 -22.17 13.98
C VAL A 338 22.55 -21.67 14.34
N ASN A 339 23.32 -22.47 15.07
CA ASN A 339 24.73 -22.17 15.43
C ASN A 339 25.56 -21.93 14.15
N ASP A 340 25.35 -22.76 13.12
CA ASP A 340 26.12 -22.70 11.85
C ASP A 340 25.64 -21.44 11.09
N PHE A 341 24.35 -21.10 11.16
CA PHE A 341 23.77 -19.90 10.52
C PHE A 341 24.48 -18.63 11.03
N TRP A 342 24.63 -18.46 12.34
CA TRP A 342 25.30 -17.29 12.96
C TRP A 342 26.81 -17.29 12.68
N ARG A 343 27.46 -18.47 12.63
CA ARG A 343 28.88 -18.61 12.22
C ARG A 343 29.06 -18.00 10.82
N MET A 344 28.12 -18.27 9.91
CA MET A 344 28.13 -17.72 8.54
C MET A 344 28.04 -16.18 8.62
N VAL A 345 27.05 -15.64 9.34
CA VAL A 345 26.76 -14.17 9.33
C VAL A 345 28.00 -13.44 9.85
N PHE A 346 28.59 -13.96 10.93
CA PHE A 346 29.84 -13.43 11.55
C PHE A 346 30.97 -13.47 10.52
N GLN A 347 31.22 -14.66 9.97
CA GLN A 347 32.36 -14.93 9.07
C GLN A 347 32.31 -13.98 7.87
N GLU A 348 31.12 -13.80 7.29
CA GLU A 348 30.89 -13.11 6.00
C GLU A 348 30.77 -11.59 6.25
N ASN A 349 30.64 -11.20 7.52
CA ASN A 349 30.60 -9.79 7.98
C ASN A 349 29.27 -9.17 7.53
N SER A 350 28.22 -9.98 7.40
CA SER A 350 26.85 -9.54 7.04
C SER A 350 26.20 -8.78 8.20
N ARG A 351 25.56 -7.65 7.86
CA ARG A 351 24.99 -6.73 8.87
C ARG A 351 23.48 -6.63 8.66
N VAL A 352 22.96 -7.41 7.72
CA VAL A 352 21.56 -7.29 7.26
C VAL A 352 21.08 -8.68 6.85
N ILE A 353 19.90 -9.06 7.35
CA ILE A 353 19.23 -10.36 7.08
C ILE A 353 17.84 -10.07 6.53
N VAL A 354 17.49 -10.73 5.43
CA VAL A 354 16.15 -10.63 4.82
C VAL A 354 15.50 -11.99 5.01
N MET A 355 14.46 -12.04 5.85
CA MET A 355 13.61 -13.22 6.09
C MET A 355 12.21 -12.96 5.52
N THR A 356 11.84 -13.65 4.45
CA THR A 356 10.54 -13.49 3.73
C THR A 356 9.64 -14.70 3.99
N THR A 357 9.59 -15.19 5.22
CA THR A 357 8.66 -16.27 5.65
C THR A 357 8.37 -16.14 7.14
N LYS A 358 7.16 -16.51 7.57
CA LYS A 358 6.84 -16.80 8.99
C LYS A 358 7.65 -18.03 9.41
N GLU A 359 7.76 -18.29 10.71
CA GLU A 359 8.39 -19.51 11.26
C GLU A 359 7.58 -20.72 10.76
N VAL A 360 6.26 -20.58 10.72
CA VAL A 360 5.29 -21.65 10.31
C VAL A 360 4.37 -21.07 9.24
N GLU A 361 4.12 -21.83 8.17
CA GLU A 361 3.12 -21.49 7.13
C GLU A 361 2.26 -22.72 6.84
N ARG A 362 0.94 -22.52 6.83
CA ARG A 362 -0.10 -23.56 6.63
C ARG A 362 0.28 -24.82 7.43
N GLY A 363 0.58 -24.65 8.72
CA GLY A 363 0.79 -25.75 9.69
C GLY A 363 2.19 -26.36 9.60
N LYS A 364 2.96 -26.03 8.56
CA LYS A 364 4.33 -26.58 8.32
C LYS A 364 5.37 -25.58 8.83
N SER A 365 6.42 -26.06 9.52
CA SER A 365 7.61 -25.25 9.90
C SER A 365 8.41 -24.93 8.63
N LYS A 366 8.89 -23.68 8.53
CA LYS A 366 9.62 -23.14 7.35
C LYS A 366 11.00 -22.62 7.76
N CYS A 367 11.19 -22.33 9.05
CA CYS A 367 12.44 -21.75 9.61
C CYS A 367 12.27 -21.71 11.13
N VAL A 368 13.32 -22.05 11.87
CA VAL A 368 13.30 -21.99 13.35
C VAL A 368 13.56 -20.53 13.75
N LYS A 369 13.06 -20.11 14.92
CA LYS A 369 13.44 -18.82 15.54
C LYS A 369 14.94 -18.91 15.84
N TYR A 370 15.77 -18.14 15.13
CA TYR A 370 17.24 -18.13 15.33
C TYR A 370 17.66 -16.86 16.08
N TRP A 371 16.70 -16.04 16.50
CA TRP A 371 16.97 -14.74 17.19
C TRP A 371 16.35 -14.75 18.58
N PRO A 372 16.95 -14.06 19.57
CA PRO A 372 16.32 -13.92 20.89
C PRO A 372 15.03 -13.10 20.86
N ASP A 373 14.31 -13.07 21.98
CA ASP A 373 13.15 -12.18 22.22
C ASP A 373 13.70 -10.76 22.37
N GLU A 374 12.87 -9.74 22.19
CA GLU A 374 13.27 -8.32 22.35
C GLU A 374 13.86 -8.14 23.75
N TYR A 375 15.05 -7.53 23.81
CA TYR A 375 15.79 -7.07 25.03
C TYR A 375 16.61 -8.23 25.61
N ALA A 376 16.30 -9.48 25.24
CA ALA A 376 16.98 -10.70 25.71
C ALA A 376 18.32 -10.87 25.01
N LEU A 377 19.13 -11.78 25.57
CA LEU A 377 20.51 -12.09 25.13
C LEU A 377 20.68 -13.62 25.12
N LYS A 378 21.13 -14.17 23.98
CA LYS A 378 21.27 -15.65 23.79
C LYS A 378 22.65 -15.96 23.23
N GLU A 379 23.10 -17.17 23.54
CA GLU A 379 24.37 -17.75 23.06
C GLU A 379 23.98 -18.88 22.10
N TYR A 380 24.46 -18.80 20.86
CA TYR A 380 24.31 -19.85 19.82
C TYR A 380 25.70 -20.40 19.50
N GLY A 381 26.13 -21.45 20.23
CA GLY A 381 27.51 -21.94 20.22
C GLY A 381 28.48 -20.89 20.73
N VAL A 382 29.48 -20.53 19.92
CA VAL A 382 30.53 -19.53 20.27
C VAL A 382 30.03 -18.11 19.91
N MET A 383 28.83 -18.00 19.34
CA MET A 383 28.26 -16.73 18.87
C MET A 383 27.26 -16.24 19.92
N ARG A 384 27.30 -14.95 20.25
CA ARG A 384 26.37 -14.31 21.22
C ARG A 384 25.53 -13.26 20.49
N VAL A 385 24.20 -13.37 20.57
CA VAL A 385 23.24 -12.42 19.92
C VAL A 385 22.34 -11.77 20.98
N ARG A 386 22.40 -10.44 21.11
CA ARG A 386 21.42 -9.61 21.87
C ARG A 386 20.39 -9.05 20.89
N ASN A 387 19.10 -9.05 21.27
CA ASN A 387 18.00 -8.40 20.50
C ASN A 387 17.77 -7.01 21.09
N VAL A 388 18.36 -5.97 20.49
CA VAL A 388 18.42 -4.60 21.05
C VAL A 388 17.00 -4.01 21.07
N LYS A 389 16.29 -4.05 19.95
CA LYS A 389 15.00 -3.38 19.79
C LYS A 389 14.25 -4.01 18.62
N GLU A 390 12.94 -4.19 18.74
CA GLU A 390 12.08 -4.56 17.60
C GLU A 390 11.25 -3.34 17.21
N SER A 391 11.20 -3.02 15.92
CA SER A 391 10.35 -1.97 15.33
C SER A 391 9.42 -2.61 14.31
N ALA A 392 8.13 -2.70 14.63
CA ALA A 392 7.08 -3.31 13.80
C ALA A 392 6.54 -2.28 12.80
N ALA A 393 6.50 -2.66 11.52
CA ALA A 393 5.65 -2.05 10.49
C ALA A 393 4.47 -3.02 10.24
N HIS A 394 3.60 -2.72 9.27
CA HIS A 394 2.47 -3.59 8.91
C HIS A 394 3.00 -4.87 8.25
N ASP A 395 3.89 -4.71 7.26
CA ASP A 395 4.34 -5.80 6.34
C ASP A 395 5.56 -6.53 6.93
N TYR A 396 6.36 -5.88 7.77
CA TYR A 396 7.63 -6.46 8.27
C TYR A 396 7.91 -6.02 9.71
N THR A 397 8.79 -6.77 10.38
CA THR A 397 9.42 -6.39 11.67
C THR A 397 10.91 -6.17 11.44
N LEU A 398 11.45 -5.07 11.99
CA LEU A 398 12.91 -4.87 12.07
C LEU A 398 13.38 -5.22 13.48
N ARG A 399 14.41 -6.06 13.57
CA ARG A 399 15.07 -6.42 14.84
C ARG A 399 16.53 -5.97 14.76
N GLU A 400 16.92 -5.05 15.65
CA GLU A 400 18.33 -4.63 15.83
C GLU A 400 19.00 -5.67 16.74
N LEU A 401 19.78 -6.57 16.16
CA LEU A 401 20.52 -7.64 16.86
C LEU A 401 21.96 -7.18 17.00
N LYS A 402 22.63 -7.56 18.08
CA LYS A 402 24.09 -7.32 18.24
C LYS A 402 24.73 -8.71 18.31
N LEU A 403 25.72 -8.95 17.44
CA LEU A 403 26.37 -10.26 17.21
C LEU A 403 27.85 -10.12 17.57
N SER A 404 28.42 -11.18 18.12
CA SER A 404 29.82 -11.22 18.64
C SER A 404 30.23 -12.67 18.91
N LYS A 405 31.54 -12.91 19.06
CA LYS A 405 32.04 -14.22 19.54
C LYS A 405 32.15 -14.17 21.07
N VAL A 406 31.65 -15.20 21.75
CA VAL A 406 31.86 -15.38 23.21
C VAL A 406 33.37 -15.23 23.48
N GLY A 407 33.73 -14.38 24.45
CA GLY A 407 35.11 -14.20 24.95
C GLY A 407 35.84 -13.08 24.24
N GLN A 408 35.24 -12.45 23.23
CA GLN A 408 35.92 -11.43 22.39
C GLN A 408 34.97 -10.27 22.14
N GLY A 409 35.07 -9.23 22.99
CA GLY A 409 34.13 -8.08 23.05
C GLY A 409 34.17 -7.20 21.81
N ASN A 410 35.37 -6.94 21.26
CA ASN A 410 35.55 -6.04 20.08
C ASN A 410 35.36 -6.83 18.77
N THR A 411 34.55 -7.88 18.76
CA THR A 411 34.11 -8.61 17.53
C THR A 411 32.66 -8.21 17.21
N GLU A 412 32.09 -7.32 18.02
CA GLU A 412 30.64 -7.02 18.05
C GLU A 412 30.27 -6.17 16.83
N ARG A 413 29.11 -6.46 16.22
CA ARG A 413 28.51 -5.65 15.13
C ARG A 413 26.98 -5.70 15.25
N THR A 414 26.30 -4.66 14.80
CA THR A 414 24.83 -4.66 14.66
C THR A 414 24.50 -5.46 13.41
N VAL A 415 23.58 -6.42 13.52
CA VAL A 415 23.03 -7.14 12.34
C VAL A 415 21.53 -6.87 12.29
N TRP A 416 21.10 -6.06 11.33
CA TRP A 416 19.67 -5.68 11.20
C TRP A 416 18.93 -6.80 10.45
N GLN A 417 17.92 -7.37 11.11
CA GLN A 417 17.10 -8.47 10.56
C GLN A 417 15.77 -7.89 10.10
N TYR A 418 15.47 -8.05 8.82
CA TYR A 418 14.22 -7.58 8.18
C TYR A 418 13.37 -8.82 7.90
N HIS A 419 12.33 -9.03 8.68
CA HIS A 419 11.43 -10.21 8.59
C HIS A 419 10.14 -9.79 7.90
N PHE A 420 10.03 -10.01 6.59
CA PHE A 420 8.75 -9.80 5.85
C PHE A 420 7.76 -10.88 6.30
N ARG A 421 6.62 -10.45 6.84
CA ARG A 421 5.65 -11.33 7.54
C ARG A 421 4.37 -11.52 6.73
N THR A 422 4.16 -10.80 5.62
CA THR A 422 2.83 -10.76 4.93
C THR A 422 2.88 -11.44 3.55
N TRP A 423 3.95 -12.17 3.22
CA TRP A 423 4.04 -12.83 1.88
C TRP A 423 3.01 -13.94 1.85
N PRO A 424 2.03 -13.93 0.90
CA PRO A 424 0.96 -14.91 0.87
C PRO A 424 1.46 -16.36 0.89
N ASP A 425 0.72 -17.24 1.57
CA ASP A 425 1.14 -18.65 1.82
C ASP A 425 1.39 -19.36 0.48
N HIS A 426 0.56 -19.07 -0.53
CA HIS A 426 0.70 -19.56 -1.93
C HIS A 426 0.73 -18.36 -2.90
N GLY A 427 1.59 -18.42 -3.92
CA GLY A 427 1.67 -17.40 -4.98
C GLY A 427 2.50 -16.20 -4.56
N VAL A 428 2.21 -15.02 -5.12
CA VAL A 428 3.02 -13.79 -4.94
C VAL A 428 2.09 -12.66 -4.50
N PRO A 429 2.61 -11.63 -3.79
CA PRO A 429 1.78 -10.49 -3.40
C PRO A 429 1.16 -9.78 -4.61
N SER A 430 -0.13 -9.43 -4.50
CA SER A 430 -0.96 -8.78 -5.56
C SER A 430 -0.38 -7.41 -5.94
N ASP A 431 0.03 -6.60 -4.96
CA ASP A 431 0.62 -5.26 -5.17
C ASP A 431 2.11 -5.33 -4.85
N PRO A 432 3.01 -4.91 -5.77
CA PRO A 432 4.45 -4.88 -5.49
C PRO A 432 4.96 -3.79 -4.55
N GLY A 433 4.15 -2.76 -4.25
CA GLY A 433 4.55 -1.54 -3.50
C GLY A 433 5.17 -1.88 -2.15
N GLY A 434 4.56 -2.83 -1.43
CA GLY A 434 5.02 -3.32 -0.11
C GLY A 434 6.39 -3.99 -0.17
N VAL A 435 6.66 -4.79 -1.21
CA VAL A 435 7.93 -5.55 -1.37
C VAL A 435 9.04 -4.56 -1.75
N LEU A 436 8.74 -3.60 -2.62
CA LEU A 436 9.70 -2.57 -3.07
C LEU A 436 9.99 -1.59 -1.94
N ASP A 437 8.99 -1.26 -1.11
CA ASP A 437 9.16 -0.40 0.10
C ASP A 437 10.14 -1.13 1.04
N PHE A 438 9.91 -2.43 1.23
CA PHE A 438 10.79 -3.35 1.97
C PHE A 438 12.22 -3.31 1.39
N LEU A 439 12.36 -3.51 0.07
CA LEU A 439 13.67 -3.50 -0.64
C LEU A 439 14.38 -2.16 -0.41
N GLU A 440 13.67 -1.06 -0.61
CA GLU A 440 14.23 0.33 -0.52
C GLU A 440 14.80 0.51 0.89
N GLU A 441 14.07 0.08 1.91
CA GLU A 441 14.50 0.21 3.33
C GLU A 441 15.72 -0.69 3.57
N VAL A 442 15.70 -1.93 3.07
CA VAL A 442 16.82 -2.92 3.18
C VAL A 442 18.07 -2.37 2.47
N HIS A 443 17.93 -1.84 1.25
CA HIS A 443 19.05 -1.29 0.44
C HIS A 443 19.68 -0.10 1.16
N HIS A 444 18.86 0.77 1.79
CA HIS A 444 19.36 2.02 2.41
C HIS A 444 20.14 1.69 3.69
N LYS A 445 19.72 0.67 4.43
CA LYS A 445 20.42 0.18 5.65
C LYS A 445 21.80 -0.36 5.26
N GLN A 446 21.86 -1.24 4.27
CA GLN A 446 23.12 -1.85 3.77
C GLN A 446 24.07 -0.73 3.32
N GLU A 447 23.55 0.21 2.52
CA GLU A 447 24.33 1.36 1.97
C GLU A 447 24.90 2.19 3.12
N SER A 448 24.22 2.24 4.28
CA SER A 448 24.57 3.10 5.45
C SER A 448 25.75 2.52 6.25
N ILE A 449 26.03 1.23 6.12
CA ILE A 449 27.09 0.53 6.93
C ILE A 449 28.35 0.36 6.08
N MET A 450 29.50 0.78 6.61
CA MET A 450 30.80 0.71 5.90
C MET A 450 31.35 -0.71 6.03
N ASP A 451 31.79 -1.29 4.92
CA ASP A 451 32.40 -2.65 4.86
C ASP A 451 31.35 -3.70 5.28
N ALA A 452 30.08 -3.48 4.92
CA ALA A 452 28.98 -4.47 5.09
C ALA A 452 29.28 -5.66 4.17
N GLY A 453 29.06 -6.87 4.67
CA GLY A 453 29.15 -8.12 3.89
C GLY A 453 27.89 -8.34 3.06
N PRO A 454 27.79 -9.53 2.40
CA PRO A 454 26.62 -9.90 1.62
C PRO A 454 25.34 -9.72 2.44
N VAL A 455 24.26 -9.26 1.83
CA VAL A 455 22.91 -9.26 2.48
C VAL A 455 22.43 -10.71 2.49
N VAL A 456 22.27 -11.30 3.67
CA VAL A 456 21.80 -12.70 3.80
C VAL A 456 20.30 -12.70 3.50
N VAL A 457 19.85 -13.53 2.55
CA VAL A 457 18.41 -13.63 2.16
C VAL A 457 17.97 -15.09 2.31
N HIS A 458 16.94 -15.35 3.14
CA HIS A 458 16.39 -16.72 3.37
C HIS A 458 14.86 -16.73 3.39
N CYS A 459 14.26 -17.77 2.81
CA CYS A 459 12.84 -18.15 2.96
C CYS A 459 12.78 -19.55 3.60
N SER A 460 12.23 -20.56 2.90
CA SER A 460 12.10 -21.95 3.41
C SER A 460 13.23 -22.81 2.85
N ALA A 461 13.29 -22.96 1.52
CA ALA A 461 14.34 -23.71 0.77
C ALA A 461 15.33 -22.74 0.16
N GLY A 462 14.96 -21.47 0.07
CA GLY A 462 15.86 -20.37 -0.28
C GLY A 462 16.08 -20.28 -1.77
N ILE A 463 15.05 -20.57 -2.58
CA ILE A 463 15.18 -20.59 -4.07
C ILE A 463 14.01 -19.82 -4.72
N GLY A 464 12.79 -19.93 -4.21
CA GLY A 464 11.60 -19.29 -4.80
C GLY A 464 11.50 -17.82 -4.45
N ARG A 465 10.98 -17.52 -3.26
CA ARG A 465 10.85 -16.13 -2.72
C ARG A 465 12.22 -15.46 -2.60
N THR A 466 13.20 -16.16 -2.03
CA THR A 466 14.60 -15.69 -1.83
C THR A 466 15.21 -15.25 -3.17
N GLY A 467 14.97 -16.04 -4.22
CA GLY A 467 15.54 -15.78 -5.56
C GLY A 467 14.77 -14.66 -6.23
N THR A 468 13.47 -14.58 -5.96
CA THR A 468 12.59 -13.53 -6.49
C THR A 468 13.10 -12.19 -5.97
N PHE A 469 13.23 -12.04 -4.64
CA PHE A 469 13.71 -10.81 -3.96
C PHE A 469 15.11 -10.44 -4.43
N ILE A 470 16.10 -11.34 -4.36
CA ILE A 470 17.47 -10.97 -4.78
C ILE A 470 17.39 -10.37 -6.19
N VAL A 471 16.68 -11.03 -7.11
CA VAL A 471 16.71 -10.72 -8.57
C VAL A 471 16.07 -9.33 -8.78
N ILE A 472 14.96 -9.07 -8.10
CA ILE A 472 14.28 -7.75 -8.11
C ILE A 472 15.29 -6.72 -7.62
N ASP A 473 16.01 -7.03 -6.54
CA ASP A 473 17.01 -6.12 -5.91
C ASP A 473 18.17 -5.88 -6.87
N ILE A 474 18.69 -6.90 -7.56
CA ILE A 474 19.80 -6.74 -8.54
C ILE A 474 19.36 -5.78 -9.66
N LEU A 475 18.14 -5.95 -10.17
CA LEU A 475 17.56 -5.16 -11.29
C LEU A 475 17.30 -3.70 -10.86
N ILE A 476 16.60 -3.50 -9.74
CA ILE A 476 16.27 -2.14 -9.23
C ILE A 476 17.60 -1.42 -8.97
N ASP A 477 18.62 -2.16 -8.54
CA ASP A 477 19.95 -1.59 -8.21
C ASP A 477 20.60 -0.99 -9.48
N ILE A 478 20.40 -1.59 -10.64
CA ILE A 478 20.96 -1.10 -11.94
C ILE A 478 20.34 0.27 -12.22
N ILE A 479 19.02 0.39 -12.07
CA ILE A 479 18.26 1.63 -12.40
C ILE A 479 18.64 2.71 -11.39
N ARG A 480 19.02 2.32 -10.16
CA ARG A 480 19.52 3.25 -9.11
C ARG A 480 20.87 3.86 -9.52
N GLU A 481 21.79 3.06 -10.04
CA GLU A 481 23.21 3.44 -10.35
C GLU A 481 23.30 4.06 -11.76
N LYS A 482 22.46 3.63 -12.71
CA LYS A 482 22.61 3.96 -14.17
C LYS A 482 21.40 4.75 -14.68
N GLY A 483 20.43 5.09 -13.83
CA GLY A 483 19.21 5.83 -14.23
C GLY A 483 18.30 4.97 -15.11
N VAL A 484 17.12 5.49 -15.46
CA VAL A 484 16.10 4.80 -16.31
C VAL A 484 16.68 4.49 -17.69
N ASP A 485 17.72 5.20 -18.15
CA ASP A 485 18.42 4.95 -19.43
C ASP A 485 19.46 3.82 -19.26
N CYS A 486 19.01 2.60 -18.97
CA CYS A 486 19.91 1.43 -18.77
C CYS A 486 19.30 0.18 -19.41
N ASP A 487 20.15 -0.78 -19.74
CA ASP A 487 19.72 -2.07 -20.33
C ASP A 487 19.47 -3.04 -19.18
N ILE A 488 18.22 -3.47 -19.04
CA ILE A 488 17.83 -4.60 -18.15
C ILE A 488 17.32 -5.74 -19.03
N ASP A 489 17.61 -6.97 -18.62
CA ASP A 489 17.32 -8.23 -19.32
C ASP A 489 16.98 -9.25 -18.22
N VAL A 490 15.69 -9.37 -17.87
CA VAL A 490 15.21 -10.11 -16.67
C VAL A 490 15.74 -11.54 -16.72
N PRO A 491 15.50 -12.32 -17.81
CA PRO A 491 15.93 -13.73 -17.83
C PRO A 491 17.46 -13.93 -17.80
N LYS A 492 18.23 -12.98 -18.32
CA LYS A 492 19.72 -13.03 -18.28
C LYS A 492 20.14 -13.04 -16.81
N THR A 493 19.49 -12.21 -16.00
CA THR A 493 19.79 -11.97 -14.57
C THR A 493 19.39 -13.21 -13.76
N ILE A 494 18.29 -13.85 -14.12
CA ILE A 494 17.77 -15.07 -13.43
C ILE A 494 18.73 -16.25 -13.73
N GLN A 495 19.14 -16.42 -14.98
CA GLN A 495 20.05 -17.50 -15.42
C GLN A 495 21.42 -17.31 -14.76
N MET A 496 21.89 -16.08 -14.60
CA MET A 496 23.18 -15.78 -13.93
C MET A 496 23.09 -16.14 -12.44
N VAL A 497 21.94 -15.86 -11.81
CA VAL A 497 21.69 -16.16 -10.37
C VAL A 497 21.39 -17.67 -10.20
N ARG A 498 20.76 -18.30 -11.20
CA ARG A 498 20.39 -19.73 -11.19
C ARG A 498 21.64 -20.61 -11.43
N SER A 499 22.72 -20.03 -11.97
CA SER A 499 24.04 -20.70 -12.08
C SER A 499 24.82 -20.63 -10.75
N GLN A 500 24.29 -19.91 -9.74
CA GLN A 500 24.96 -19.73 -8.42
C GLN A 500 24.20 -20.48 -7.32
N ARG A 501 22.87 -20.57 -7.42
CA ARG A 501 22.04 -21.44 -6.56
C ARG A 501 20.90 -22.02 -7.41
N SER A 502 20.40 -23.18 -7.03
CA SER A 502 19.53 -24.05 -7.88
C SER A 502 18.07 -23.57 -7.83
N GLY A 503 17.44 -23.38 -8.99
CA GLY A 503 16.01 -23.07 -9.08
C GLY A 503 15.69 -21.68 -8.56
N MET A 504 16.59 -20.73 -8.75
CA MET A 504 16.51 -19.43 -8.04
C MET A 504 15.25 -18.63 -8.40
N VAL A 505 14.57 -18.79 -9.52
CA VAL A 505 13.18 -18.22 -9.55
C VAL A 505 12.22 -19.38 -9.84
N GLN A 506 11.32 -19.71 -8.91
CA GLN A 506 10.54 -20.99 -8.93
C GLN A 506 9.36 -20.92 -9.91
N THR A 507 8.59 -19.83 -9.96
CA THR A 507 7.28 -19.81 -10.67
C THR A 507 7.19 -18.68 -11.69
N GLU A 508 6.24 -18.83 -12.59
CA GLU A 508 5.89 -17.88 -13.67
C GLU A 508 5.26 -16.65 -13.02
N ALA A 509 4.55 -16.85 -11.92
CA ALA A 509 3.90 -15.81 -11.08
C ALA A 509 4.98 -14.92 -10.47
N GLN A 510 6.02 -15.53 -9.90
CA GLN A 510 7.22 -14.82 -9.39
C GLN A 510 7.91 -14.10 -10.57
N TYR A 511 8.12 -14.81 -11.68
CA TYR A 511 8.75 -14.28 -12.93
C TYR A 511 8.07 -12.98 -13.35
N ARG A 512 6.75 -13.05 -13.55
CA ARG A 512 5.87 -11.89 -13.85
C ARG A 512 6.04 -10.80 -12.77
N SER A 513 6.06 -11.19 -11.48
CA SER A 513 6.12 -10.27 -10.31
C SER A 513 7.44 -9.48 -10.32
N ILE A 514 8.50 -10.02 -10.94
CA ILE A 514 9.80 -9.32 -11.13
C ILE A 514 9.58 -8.17 -12.13
N TYR A 515 8.87 -8.42 -13.22
CA TYR A 515 8.57 -7.38 -14.25
C TYR A 515 7.75 -6.26 -13.59
N MET A 516 6.66 -6.64 -12.89
CA MET A 516 5.72 -5.68 -12.24
C MET A 516 6.46 -4.84 -11.19
N ALA A 517 7.47 -5.41 -10.55
CA ALA A 517 8.30 -4.74 -9.53
C ALA A 517 9.09 -3.63 -10.22
N VAL A 518 9.76 -3.98 -11.33
CA VAL A 518 10.58 -3.02 -12.13
C VAL A 518 9.64 -1.94 -12.72
N GLN A 519 8.47 -2.33 -13.23
CA GLN A 519 7.48 -1.36 -13.79
C GLN A 519 7.11 -0.37 -12.69
N HIS A 520 6.66 -0.86 -11.52
CA HIS A 520 6.19 -0.05 -10.37
C HIS A 520 7.28 0.93 -9.92
N TYR A 521 8.53 0.46 -9.75
CA TYR A 521 9.68 1.26 -9.24
C TYR A 521 9.94 2.45 -10.17
N ILE A 522 9.87 2.20 -11.48
CA ILE A 522 10.09 3.21 -12.55
C ILE A 522 8.92 4.20 -12.54
N GLU A 523 7.67 3.71 -12.43
CA GLU A 523 6.44 4.54 -12.37
C GLU A 523 6.53 5.55 -11.22
N THR A 524 7.05 5.15 -10.07
CA THR A 524 7.12 5.97 -8.82
C THR A 524 8.46 6.73 -8.76
N LEU A 525 8.94 7.22 -9.91
CA LEU A 525 10.23 7.94 -10.04
C LEU A 525 9.95 9.33 -10.64
N ARG B 4 -15.85 25.54 26.10
CA ARG B 4 -14.45 25.26 25.65
C ARG B 4 -13.56 26.48 25.90
N ARG B 5 -13.70 27.13 27.06
CA ARG B 5 -12.92 28.34 27.46
C ARG B 5 -11.45 27.96 27.68
N TRP B 6 -11.20 26.71 28.10
CA TRP B 6 -9.84 26.16 28.40
C TRP B 6 -8.92 26.23 27.17
N PHE B 7 -9.44 26.58 25.99
CA PHE B 7 -8.60 26.78 24.78
C PHE B 7 -8.26 28.27 24.64
N HIS B 8 -6.95 28.59 24.63
CA HIS B 8 -6.41 29.96 24.44
C HIS B 8 -5.79 30.09 23.04
N PRO B 9 -6.45 30.79 22.08
CA PRO B 9 -6.05 30.75 20.68
C PRO B 9 -4.70 31.37 20.33
N ASN B 10 -4.23 32.37 21.08
CA ASN B 10 -2.90 33.00 20.85
C ASN B 10 -2.17 33.18 22.17
N ILE B 11 -1.52 32.15 22.70
CA ILE B 11 -0.57 32.30 23.83
C ILE B 11 0.69 31.45 23.56
N THR B 12 1.78 31.77 24.26
CA THR B 12 3.08 31.06 24.20
C THR B 12 3.26 30.22 25.48
N GLY B 13 4.12 29.21 25.42
CA GLY B 13 4.45 28.32 26.56
C GLY B 13 4.70 29.10 27.85
N VAL B 14 5.44 30.20 27.77
CA VAL B 14 5.83 30.95 29.00
C VAL B 14 4.61 31.72 29.51
N GLU B 15 3.81 32.31 28.62
CA GLU B 15 2.52 32.94 29.02
C GLU B 15 1.65 31.89 29.74
N ALA B 16 1.67 30.65 29.26
CA ALA B 16 0.80 29.56 29.77
C ALA B 16 1.27 29.10 31.15
N GLU B 17 2.58 28.88 31.32
CA GLU B 17 3.18 28.58 32.65
C GLU B 17 2.76 29.70 33.61
N ASN B 18 3.09 30.93 33.26
CA ASN B 18 2.73 32.15 34.02
C ASN B 18 1.27 32.01 34.46
N LEU B 19 0.36 31.89 33.48
CA LEU B 19 -1.12 31.82 33.70
C LEU B 19 -1.44 30.74 34.73
N LEU B 20 -0.89 29.54 34.54
CA LEU B 20 -1.16 28.36 35.40
C LEU B 20 -0.55 28.58 36.79
N LEU B 21 0.62 29.22 36.86
CA LEU B 21 1.39 29.42 38.11
C LEU B 21 0.75 30.54 38.96
N THR B 22 0.19 31.58 38.32
CA THR B 22 -0.31 32.80 39.01
C THR B 22 -1.84 32.76 39.16
N ARG B 23 -2.58 32.22 38.19
CA ARG B 23 -4.07 32.24 38.20
C ARG B 23 -4.64 30.82 38.28
N GLY B 24 -3.78 29.79 38.36
CA GLY B 24 -4.18 28.38 38.48
C GLY B 24 -3.74 27.76 39.79
N VAL B 25 -4.18 26.52 40.04
CA VAL B 25 -3.78 25.67 41.20
C VAL B 25 -3.35 24.32 40.62
N ASP B 26 -3.04 23.33 41.46
CA ASP B 26 -2.65 21.98 40.96
C ASP B 26 -3.92 21.31 40.41
N GLY B 27 -3.82 20.79 39.19
CA GLY B 27 -4.95 20.21 38.43
C GLY B 27 -5.51 21.22 37.45
N SER B 28 -5.02 22.46 37.45
CA SER B 28 -5.37 23.49 36.44
C SER B 28 -4.73 23.09 35.10
N PHE B 29 -5.39 23.43 34.00
CA PHE B 29 -4.94 23.06 32.63
C PHE B 29 -5.56 24.00 31.62
N LEU B 30 -4.85 24.18 30.50
CA LEU B 30 -5.39 24.75 29.26
C LEU B 30 -4.74 24.04 28.07
N ALA B 31 -5.24 24.33 26.87
CA ALA B 31 -4.72 23.83 25.58
C ALA B 31 -4.34 25.04 24.71
N ARG B 32 -3.30 24.92 23.90
CA ARG B 32 -2.84 26.04 23.06
C ARG B 32 -2.33 25.52 21.71
N PRO B 33 -2.57 26.30 20.64
CA PRO B 33 -2.00 26.01 19.32
C PRO B 33 -0.50 26.29 19.28
N SER B 34 0.23 25.61 18.37
CA SER B 34 1.70 25.67 18.17
C SER B 34 2.42 25.72 19.52
N ASN B 37 1.84 26.41 13.31
CA ASN B 37 0.95 25.27 12.96
C ASN B 37 -0.18 25.17 13.98
N PRO B 38 -1.46 25.34 13.57
CA PRO B 38 -2.59 25.19 14.48
C PRO B 38 -2.89 23.72 14.79
N GLY B 39 -2.26 22.79 14.05
CA GLY B 39 -2.32 21.33 14.31
C GLY B 39 -1.32 20.90 15.38
N ASP B 40 -0.16 21.56 15.42
CA ASP B 40 0.83 21.42 16.52
C ASP B 40 0.19 22.05 17.75
N LEU B 41 -0.37 21.24 18.64
CA LEU B 41 -1.10 21.75 19.83
C LEU B 41 -0.40 21.26 21.10
N THR B 42 -0.57 22.00 22.19
CA THR B 42 0.07 21.69 23.49
C THR B 42 -0.99 21.70 24.60
N LEU B 43 -1.01 20.64 25.41
CA LEU B 43 -1.85 20.55 26.63
C LEU B 43 -0.99 20.92 27.84
N SER B 44 -1.24 22.10 28.42
CA SER B 44 -0.45 22.65 29.55
C SER B 44 -1.21 22.42 30.86
N VAL B 45 -0.54 21.79 31.84
CA VAL B 45 -1.16 21.21 33.07
C VAL B 45 -0.23 21.49 34.25
N ARG B 46 -0.79 22.08 35.32
CA ARG B 46 -0.08 22.37 36.59
C ARG B 46 -0.13 21.14 37.50
N ARG B 47 0.99 20.82 38.14
CA ARG B 47 1.15 19.65 39.05
C ARG B 47 2.31 19.95 40.02
N ASN B 48 2.10 19.74 41.32
CA ASN B 48 3.13 20.00 42.37
C ASN B 48 3.71 21.40 42.19
N GLY B 49 2.92 22.36 41.71
CA GLY B 49 3.35 23.75 41.48
C GLY B 49 4.33 23.88 40.33
N ALA B 50 4.35 22.90 39.41
CA ALA B 50 5.14 22.95 38.16
C ALA B 50 4.24 22.61 36.95
N VAL B 51 4.65 22.99 35.75
CA VAL B 51 3.83 22.86 34.50
C VAL B 51 4.47 21.80 33.59
N THR B 52 3.67 20.82 33.16
CA THR B 52 4.03 19.84 32.09
C THR B 52 3.32 20.25 30.80
N HIS B 53 4.03 20.17 29.67
CA HIS B 53 3.50 20.51 28.32
C HIS B 53 3.41 19.22 27.50
N ILE B 54 2.20 18.67 27.40
CA ILE B 54 1.89 17.39 26.69
C ILE B 54 1.62 17.75 25.23
N LYS B 55 2.37 17.12 24.32
CA LYS B 55 2.32 17.38 22.86
C LYS B 55 1.11 16.67 22.23
N ILE B 56 0.35 17.38 21.41
CA ILE B 56 -0.81 16.85 20.62
C ILE B 56 -0.58 17.20 19.15
N GLN B 57 -0.60 16.21 18.27
CA GLN B 57 -0.34 16.38 16.82
C GLN B 57 -1.60 16.01 16.02
N ASN B 58 -1.94 16.81 15.02
CA ASN B 58 -3.00 16.54 14.03
C ASN B 58 -2.45 16.93 12.66
N THR B 59 -2.17 15.92 11.83
CA THR B 59 -1.74 16.07 10.41
C THR B 59 -2.90 15.71 9.47
N GLY B 60 -4.08 15.43 10.02
CA GLY B 60 -5.32 15.38 9.21
C GLY B 60 -6.19 14.18 9.49
N ASP B 61 -5.76 13.23 10.32
CA ASP B 61 -6.50 11.98 10.58
C ASP B 61 -7.14 12.02 11.97
N TYR B 62 -6.44 12.58 12.95
CA TYR B 62 -6.86 12.62 14.38
C TYR B 62 -5.88 13.49 15.18
N TYR B 63 -6.29 13.76 16.41
CA TYR B 63 -5.48 14.38 17.48
C TYR B 63 -4.73 13.26 18.19
N ASP B 64 -3.40 13.18 18.01
CA ASP B 64 -2.56 12.16 18.66
C ASP B 64 -1.84 12.81 19.85
N LEU B 65 -2.30 12.50 21.05
CA LEU B 65 -1.62 12.96 22.29
C LEU B 65 -0.43 12.03 22.53
N TYR B 66 0.77 12.60 22.68
CA TYR B 66 2.01 11.83 22.98
C TYR B 66 1.83 11.16 24.34
N GLY B 67 1.98 9.83 24.36
CA GLY B 67 1.87 9.00 25.58
C GLY B 67 0.43 8.79 25.98
N GLY B 68 -0.50 9.01 25.06
CA GLY B 68 -1.95 8.87 25.28
C GLY B 68 -2.65 8.22 24.09
N GLU B 69 -3.96 8.44 23.99
CA GLU B 69 -4.82 7.82 22.96
C GLU B 69 -5.05 8.82 21.80
N LYS B 70 -5.73 8.33 20.75
CA LYS B 70 -6.15 9.15 19.59
C LYS B 70 -7.61 9.57 19.76
N PHE B 71 -7.91 10.84 19.45
CA PHE B 71 -9.23 11.48 19.67
C PHE B 71 -9.69 12.18 18.39
N ALA B 72 -11.02 12.24 18.22
CA ALA B 72 -11.69 12.93 17.10
C ALA B 72 -11.74 14.45 17.34
N THR B 73 -11.79 14.86 18.60
CA THR B 73 -12.06 16.27 19.00
C THR B 73 -11.23 16.60 20.22
N LEU B 74 -10.75 17.84 20.30
CA LEU B 74 -9.98 18.32 21.47
C LEU B 74 -10.89 18.32 22.69
N ALA B 75 -12.17 18.69 22.53
CA ALA B 75 -13.21 18.66 23.59
C ALA B 75 -13.40 17.22 24.11
N GLU B 76 -13.41 16.25 23.21
CA GLU B 76 -13.63 14.81 23.52
C GLU B 76 -12.37 14.25 24.20
N LEU B 77 -11.20 14.84 23.92
CA LEU B 77 -9.91 14.49 24.56
C LEU B 77 -9.96 14.91 26.04
N VAL B 78 -10.33 16.17 26.29
CA VAL B 78 -10.45 16.76 27.65
C VAL B 78 -11.50 15.96 28.42
N GLN B 79 -12.67 15.71 27.81
CA GLN B 79 -13.78 14.94 28.44
C GLN B 79 -13.26 13.60 28.96
N TYR B 80 -12.48 12.89 28.13
CA TYR B 80 -11.97 11.52 28.39
C TYR B 80 -11.05 11.50 29.63
N TYR B 81 -10.11 12.45 29.72
CA TYR B 81 -9.08 12.47 30.80
C TYR B 81 -9.67 13.09 32.08
N MET B 82 -10.67 13.95 31.96
CA MET B 82 -11.36 14.52 33.14
C MET B 82 -12.23 13.45 33.82
N GLU B 83 -12.74 12.46 33.07
CA GLU B 83 -13.54 11.32 33.60
C GLU B 83 -12.64 10.08 33.78
N HIS B 84 -11.85 9.71 32.77
CA HIS B 84 -10.88 8.58 32.79
C HIS B 84 -9.56 9.06 33.40
N HIS B 85 -9.59 9.49 34.67
CA HIS B 85 -8.41 10.01 35.42
C HIS B 85 -7.39 8.89 35.65
N GLY B 86 -6.10 9.23 35.78
CA GLY B 86 -4.99 8.28 36.03
C GLY B 86 -4.34 7.79 34.75
N GLN B 87 -4.99 7.97 33.59
CA GLN B 87 -4.55 7.42 32.27
C GLN B 87 -3.64 8.42 31.56
N LEU B 88 -3.38 9.59 32.15
CA LEU B 88 -2.48 10.63 31.59
C LEU B 88 -1.17 10.65 32.40
N LYS B 89 -0.03 10.59 31.70
CA LYS B 89 1.33 10.56 32.32
C LYS B 89 2.29 11.43 31.50
N ILE B 96 -0.64 12.93 36.48
CA ILE B 96 -1.15 14.12 35.72
C ILE B 96 -2.68 14.15 35.75
N GLU B 97 -3.27 15.12 36.45
CA GLU B 97 -4.75 15.27 36.61
C GLU B 97 -5.20 16.53 35.85
N LEU B 98 -6.22 16.41 34.98
CA LEU B 98 -6.99 17.59 34.47
C LEU B 98 -8.21 17.75 35.37
N LYS B 99 -8.11 18.65 36.36
CA LYS B 99 -9.17 18.91 37.38
C LYS B 99 -9.86 20.23 37.07
N TYR B 100 -9.08 21.30 36.84
CA TYR B 100 -9.55 22.71 36.80
C TYR B 100 -9.17 23.35 35.47
N PRO B 101 -10.14 23.64 34.58
CA PRO B 101 -9.88 24.45 33.39
C PRO B 101 -9.51 25.89 33.78
N LEU B 102 -8.47 26.46 33.15
CA LEU B 102 -8.20 27.91 33.21
C LEU B 102 -8.83 28.55 31.97
N ASN B 103 -9.89 29.33 32.17
CA ASN B 103 -10.75 29.84 31.07
C ASN B 103 -10.10 31.08 30.44
N CYS B 104 -10.10 31.12 29.12
CA CYS B 104 -9.61 32.23 28.27
C CYS B 104 -10.71 33.30 28.19
N ALA B 105 -10.33 34.57 28.20
CA ALA B 105 -11.25 35.73 28.16
C ALA B 105 -11.06 36.49 26.86
N ASP B 106 -10.07 36.12 26.06
CA ASP B 106 -9.84 36.64 24.69
C ASP B 106 -11.04 36.24 23.83
N PRO B 107 -11.81 37.19 23.25
CA PRO B 107 -13.01 36.85 22.49
C PRO B 107 -12.81 36.67 20.97
N THR B 108 -11.58 36.42 20.51
CA THR B 108 -11.23 36.35 19.06
C THR B 108 -11.87 35.12 18.39
N SER B 109 -12.07 34.03 19.14
CA SER B 109 -12.69 32.77 18.65
C SER B 109 -14.22 32.77 18.78
N GLU B 110 -14.84 33.92 19.05
CA GLU B 110 -16.32 34.02 19.22
C GLU B 110 -16.94 34.38 17.87
N ARG B 111 -18.14 33.86 17.61
CA ARG B 111 -18.89 34.02 16.32
C ARG B 111 -19.41 35.45 16.15
N TRP B 112 -19.58 36.19 17.25
CA TRP B 112 -20.23 37.53 17.29
C TRP B 112 -19.17 38.63 17.48
N PHE B 113 -17.88 38.27 17.55
CA PHE B 113 -16.79 39.25 17.73
C PHE B 113 -16.13 39.60 16.39
N HIS B 114 -16.40 40.81 15.89
CA HIS B 114 -15.68 41.42 14.74
C HIS B 114 -14.97 42.69 15.26
N GLY B 115 -13.83 42.51 15.93
CA GLY B 115 -13.04 43.59 16.58
C GLY B 115 -12.91 44.86 15.73
N HIS B 116 -12.21 44.77 14.60
CA HIS B 116 -11.98 45.94 13.70
C HIS B 116 -13.14 46.01 12.72
N LEU B 117 -14.24 46.63 13.15
CA LEU B 117 -15.47 46.89 12.36
C LEU B 117 -15.98 48.31 12.68
N SER B 118 -16.46 49.04 11.67
CA SER B 118 -17.07 50.39 11.79
C SER B 118 -18.51 50.26 12.34
N GLY B 119 -19.19 51.39 12.57
CA GLY B 119 -20.54 51.44 13.15
C GLY B 119 -21.62 51.23 12.10
N LYS B 120 -21.58 51.99 11.00
CA LYS B 120 -22.59 51.90 9.92
C LYS B 120 -22.20 50.76 8.96
N GLU B 121 -20.92 50.38 8.87
CA GLU B 121 -20.52 49.12 8.17
C GLU B 121 -21.16 47.94 8.92
N ALA B 122 -21.12 47.94 10.26
CA ALA B 122 -21.82 46.96 11.14
C ALA B 122 -23.34 47.14 11.02
N GLU B 123 -23.80 48.39 10.85
CA GLU B 123 -25.23 48.76 10.67
C GLU B 123 -25.72 48.21 9.31
N LYS B 124 -24.86 48.24 8.27
CA LYS B 124 -25.21 47.80 6.90
C LYS B 124 -25.32 46.27 6.85
N LEU B 125 -24.32 45.59 7.42
CA LEU B 125 -24.30 44.10 7.59
C LEU B 125 -25.58 43.65 8.30
N LEU B 126 -25.86 44.23 9.48
CA LEU B 126 -27.07 43.93 10.28
C LEU B 126 -28.33 44.27 9.48
N THR B 127 -28.25 45.20 8.52
CA THR B 127 -29.43 45.66 7.72
C THR B 127 -29.62 44.73 6.51
N GLU B 128 -28.53 44.28 5.88
CA GLU B 128 -28.55 43.44 4.65
C GLU B 128 -28.74 41.95 5.01
N LYS B 129 -28.11 41.47 6.09
CA LYS B 129 -28.01 40.02 6.40
C LYS B 129 -28.75 39.67 7.70
N GLY B 130 -28.99 40.65 8.58
CA GLY B 130 -29.51 40.42 9.94
C GLY B 130 -31.00 40.15 9.94
N LYS B 131 -31.48 39.42 10.97
CA LYS B 131 -32.91 39.26 11.31
C LYS B 131 -33.11 39.73 12.76
N HIS B 132 -34.31 39.55 13.32
CA HIS B 132 -34.60 39.84 14.75
C HIS B 132 -33.66 39.00 15.62
N GLY B 133 -32.68 39.67 16.24
CA GLY B 133 -31.83 39.05 17.28
C GLY B 133 -30.42 38.83 16.79
N SER B 134 -30.14 39.12 15.53
CA SER B 134 -28.76 39.16 14.99
C SER B 134 -28.02 40.26 15.77
N PHE B 135 -26.89 39.90 16.37
CA PHE B 135 -26.03 40.79 17.19
C PHE B 135 -24.57 40.54 16.83
N LEU B 136 -23.70 41.45 17.24
CA LEU B 136 -22.23 41.40 17.04
C LEU B 136 -21.60 42.33 18.07
N VAL B 137 -20.34 42.09 18.44
CA VAL B 137 -19.57 43.00 19.33
C VAL B 137 -18.35 43.47 18.54
N ARG B 138 -18.06 44.77 18.62
CA ARG B 138 -16.95 45.43 17.88
C ARG B 138 -16.20 46.38 18.81
N GLU B 139 -14.95 46.71 18.47
CA GLU B 139 -14.11 47.69 19.21
C GLU B 139 -14.73 49.08 19.02
N SER B 140 -14.77 49.88 20.09
CA SER B 140 -15.43 51.22 20.11
C SER B 140 -14.83 52.14 19.05
N GLN B 141 -15.73 52.84 18.34
CA GLN B 141 -15.43 53.75 17.21
C GLN B 141 -14.62 54.96 17.70
N SER B 142 -15.09 55.66 18.74
CA SER B 142 -14.53 56.97 19.18
C SER B 142 -13.79 56.87 20.51
N HIS B 143 -14.33 56.16 21.52
CA HIS B 143 -13.70 55.96 22.84
C HIS B 143 -12.94 54.63 22.84
N PRO B 144 -11.62 54.59 22.55
CA PRO B 144 -10.91 53.32 22.41
C PRO B 144 -10.73 52.48 23.69
N GLY B 145 -10.46 51.18 23.53
CA GLY B 145 -10.37 50.21 24.63
C GLY B 145 -11.73 49.66 25.04
N ASP B 146 -12.81 50.32 24.62
CA ASP B 146 -14.21 49.97 24.96
C ASP B 146 -14.82 49.21 23.77
N PHE B 147 -16.04 48.71 23.91
CA PHE B 147 -16.68 47.80 22.93
C PHE B 147 -18.11 48.25 22.66
N VAL B 148 -18.64 47.90 21.49
CA VAL B 148 -20.03 48.23 21.10
C VAL B 148 -20.77 46.93 20.78
N LEU B 149 -21.88 46.66 21.48
CA LEU B 149 -22.85 45.60 21.10
C LEU B 149 -23.93 46.24 20.24
N SER B 150 -24.08 45.77 19.01
CA SER B 150 -25.15 46.20 18.07
C SER B 150 -26.10 45.02 17.83
N VAL B 151 -27.39 45.20 18.08
CA VAL B 151 -28.45 44.15 17.96
C VAL B 151 -29.54 44.66 17.02
N ARG B 152 -30.07 43.79 16.16
CA ARG B 152 -31.22 44.11 15.28
C ARG B 152 -32.48 43.55 15.94
N THR B 153 -33.56 44.35 16.00
CA THR B 153 -34.92 43.92 16.41
C THR B 153 -35.93 44.31 15.31
N GLY B 154 -36.99 43.50 15.13
CA GLY B 154 -38.03 43.75 14.12
C GLY B 154 -39.07 42.65 14.07
N SER B 165 -38.68 47.37 12.47
CA SER B 165 -37.27 46.92 12.38
C SER B 165 -36.32 48.05 12.82
N LYS B 166 -35.21 47.73 13.49
CA LYS B 166 -34.24 48.73 14.04
C LYS B 166 -32.95 48.06 14.49
N VAL B 167 -31.84 48.79 14.39
CA VAL B 167 -30.51 48.37 14.91
C VAL B 167 -30.21 49.23 16.13
N THR B 168 -30.16 48.62 17.32
CA THR B 168 -29.84 49.30 18.59
C THR B 168 -28.36 49.07 18.93
N HIS B 169 -27.65 50.12 19.33
CA HIS B 169 -26.23 50.06 19.77
C HIS B 169 -26.20 50.12 21.31
N VAL B 170 -25.26 49.41 21.92
CA VAL B 170 -25.09 49.38 23.40
C VAL B 170 -23.59 49.50 23.68
N MET B 171 -23.19 50.64 24.23
CA MET B 171 -21.81 50.90 24.72
C MET B 171 -21.46 49.82 25.75
N ILE B 172 -20.28 49.23 25.60
CA ILE B 172 -19.67 48.31 26.61
C ILE B 172 -18.35 48.93 27.05
N ARG B 173 -18.27 49.30 28.33
CA ARG B 173 -17.06 49.92 28.93
C ARG B 173 -16.14 48.81 29.45
N CYS B 174 -14.85 48.92 29.16
CA CYS B 174 -13.78 48.14 29.82
C CYS B 174 -13.17 49.02 30.92
N GLN B 175 -13.40 48.68 32.19
CA GLN B 175 -12.87 49.43 33.37
C GLN B 175 -12.10 48.45 34.26
N GLU B 176 -10.78 48.66 34.42
CA GLU B 176 -9.89 47.80 35.25
C GLU B 176 -10.09 46.33 34.87
N LEU B 177 -10.07 46.02 33.57
CA LEU B 177 -10.15 44.65 33.00
C LEU B 177 -11.51 44.00 33.27
N LYS B 178 -12.56 44.80 33.50
CA LYS B 178 -13.95 44.27 33.64
C LYS B 178 -14.84 45.00 32.63
N TYR B 179 -15.97 44.39 32.26
CA TYR B 179 -16.89 44.88 31.20
C TYR B 179 -18.29 45.12 31.79
N ASP B 180 -18.91 46.24 31.39
CA ASP B 180 -20.27 46.63 31.86
C ASP B 180 -21.02 47.31 30.71
N VAL B 181 -22.35 47.34 30.81
CA VAL B 181 -23.28 48.07 29.89
C VAL B 181 -23.76 49.36 30.59
N GLY B 182 -22.88 49.96 31.39
CA GLY B 182 -23.12 51.24 32.11
C GLY B 182 -23.73 51.04 33.48
N GLY B 183 -23.95 49.80 33.93
CA GLY B 183 -24.63 49.49 35.20
C GLY B 183 -24.66 47.99 35.48
N GLY B 184 -24.98 47.61 36.70
CA GLY B 184 -25.23 46.21 37.11
C GLY B 184 -23.93 45.47 37.39
N GLU B 185 -23.82 44.22 36.92
CA GLU B 185 -22.66 43.33 37.15
C GLU B 185 -21.48 43.82 36.30
N ARG B 186 -20.26 43.55 36.76
CA ARG B 186 -19.00 43.76 36.00
C ARG B 186 -18.39 42.39 35.69
N PHE B 187 -18.24 42.06 34.40
CA PHE B 187 -17.81 40.74 33.86
C PHE B 187 -16.31 40.76 33.55
N ASP B 188 -15.64 39.63 33.74
CA ASP B 188 -14.18 39.45 33.58
C ASP B 188 -13.83 39.33 32.08
N SER B 189 -14.83 39.17 31.23
CA SER B 189 -14.67 38.89 29.77
C SER B 189 -15.93 39.35 29.03
N LEU B 190 -15.82 39.59 27.72
CA LEU B 190 -16.99 39.98 26.90
C LEU B 190 -17.93 38.78 26.79
N THR B 191 -17.36 37.58 26.69
CA THR B 191 -18.14 36.31 26.60
C THR B 191 -19.11 36.27 27.78
N ASP B 192 -18.58 36.46 28.99
CA ASP B 192 -19.33 36.48 30.28
C ASP B 192 -20.46 37.53 30.19
N LEU B 193 -20.18 38.70 29.62
CA LEU B 193 -21.22 39.76 29.43
C LEU B 193 -22.25 39.27 28.41
N VAL B 194 -21.81 38.71 27.27
CA VAL B 194 -22.74 38.28 26.17
C VAL B 194 -23.62 37.17 26.70
N GLU B 195 -23.04 36.20 27.41
CA GLU B 195 -23.76 34.99 27.88
C GLU B 195 -24.82 35.42 28.91
N HIS B 196 -24.50 36.43 29.73
CA HIS B 196 -25.44 37.01 30.74
C HIS B 196 -26.61 37.66 30.02
N TYR B 197 -26.36 38.56 29.06
CA TYR B 197 -27.42 39.37 28.42
C TYR B 197 -28.16 38.53 27.37
N LYS B 198 -27.63 37.36 27.01
CA LYS B 198 -28.38 36.35 26.21
C LYS B 198 -29.50 35.79 27.09
N LYS B 199 -29.16 35.25 28.27
CA LYS B 199 -30.12 34.63 29.21
C LYS B 199 -30.97 35.74 29.87
N ASN B 200 -30.37 36.90 30.15
CA ASN B 200 -31.05 38.03 30.85
C ASN B 200 -31.10 39.24 29.92
N PRO B 201 -32.03 39.28 28.93
CA PRO B 201 -32.04 40.33 27.92
C PRO B 201 -32.28 41.73 28.49
N MET B 202 -31.61 42.72 27.91
CA MET B 202 -31.82 44.16 28.22
C MET B 202 -33.19 44.56 27.66
N VAL B 203 -34.00 45.24 28.48
CA VAL B 203 -35.32 45.80 28.10
C VAL B 203 -35.19 47.32 27.99
N GLU B 204 -35.64 47.90 26.88
CA GLU B 204 -35.54 49.36 26.62
C GLU B 204 -36.76 50.06 27.25
N THR B 205 -36.65 51.36 27.50
CA THR B 205 -37.81 52.24 27.77
C THR B 205 -38.84 52.01 26.66
N LEU B 206 -40.12 51.87 27.02
CA LEU B 206 -41.25 51.67 26.07
C LEU B 206 -41.22 50.23 25.50
N GLY B 207 -40.49 49.31 26.14
CA GLY B 207 -40.82 47.87 26.13
C GLY B 207 -39.92 47.00 25.28
N THR B 208 -39.21 47.56 24.29
CA THR B 208 -38.37 46.79 23.34
C THR B 208 -37.29 45.99 24.11
N VAL B 209 -37.29 44.67 23.91
CA VAL B 209 -36.34 43.71 24.52
C VAL B 209 -35.23 43.44 23.50
N LEU B 210 -33.99 43.81 23.85
CA LEU B 210 -32.78 43.62 23.02
C LEU B 210 -32.35 42.15 23.13
N GLN B 211 -33.06 41.25 22.43
CA GLN B 211 -32.88 39.78 22.47
C GLN B 211 -31.66 39.40 21.62
N LEU B 212 -30.71 38.67 22.22
CA LEU B 212 -29.48 38.19 21.54
C LEU B 212 -29.72 36.73 21.15
N LYS B 213 -30.31 36.49 19.97
CA LYS B 213 -30.74 35.14 19.53
C LYS B 213 -29.57 34.44 18.84
N GLN B 214 -29.12 34.98 17.71
CA GLN B 214 -28.09 34.36 16.84
C GLN B 214 -27.06 35.41 16.43
N PRO B 215 -25.75 35.10 16.46
CA PRO B 215 -24.74 36.02 15.94
C PRO B 215 -25.02 36.33 14.47
N LEU B 216 -24.66 37.53 14.00
CA LEU B 216 -24.75 37.88 12.57
C LEU B 216 -23.99 36.84 11.75
N ASN B 217 -24.58 36.35 10.65
CA ASN B 217 -23.94 35.40 9.71
C ASN B 217 -23.12 36.20 8.70
N THR B 218 -21.79 36.06 8.75
CA THR B 218 -20.82 36.68 7.82
C THR B 218 -20.04 35.57 7.08
N THR B 219 -20.39 34.30 7.31
CA THR B 219 -19.65 33.15 6.72
C THR B 219 -20.32 32.77 5.39
N ARG B 220 -21.65 32.91 5.32
CA ARG B 220 -22.45 32.60 4.09
C ARG B 220 -22.08 33.59 2.99
N ILE B 221 -21.75 33.07 1.82
CA ILE B 221 -21.50 33.87 0.59
C ILE B 221 -22.36 33.29 -0.53
N ASN B 222 -22.54 34.07 -1.60
CA ASN B 222 -23.09 33.53 -2.88
C ASN B 222 -21.91 32.85 -3.59
N ALA B 223 -22.14 31.64 -4.14
CA ALA B 223 -21.08 30.76 -4.69
C ALA B 223 -20.26 31.53 -5.73
N ALA B 224 -20.91 32.34 -6.55
CA ALA B 224 -20.30 33.14 -7.64
C ALA B 224 -19.14 34.00 -7.11
N GLU B 225 -19.22 34.46 -5.85
CA GLU B 225 -18.22 35.40 -5.23
C GLU B 225 -17.21 34.66 -4.34
N ILE B 226 -16.92 33.38 -4.61
CA ILE B 226 -15.95 32.55 -3.84
C ILE B 226 -14.54 33.16 -3.97
N GLU B 227 -14.13 33.57 -5.17
CA GLU B 227 -12.76 34.05 -5.46
C GLU B 227 -12.46 35.30 -4.63
N SER B 228 -13.44 36.19 -4.50
CA SER B 228 -13.34 37.44 -3.70
C SER B 228 -13.15 37.06 -2.22
N ARG B 229 -13.97 36.14 -1.71
CA ARG B 229 -13.94 35.69 -0.28
C ARG B 229 -12.60 34.99 0.02
N VAL B 230 -12.16 34.06 -0.84
CA VAL B 230 -10.92 33.27 -0.60
C VAL B 230 -9.76 34.26 -0.52
N ARG B 231 -9.81 35.32 -1.34
CA ARG B 231 -8.81 36.42 -1.35
C ARG B 231 -8.90 37.22 -0.03
N GLU B 232 -10.12 37.54 0.45
CA GLU B 232 -10.31 38.23 1.75
C GLU B 232 -9.77 37.36 2.88
N LEU B 233 -10.08 36.06 2.90
CA LEU B 233 -9.66 35.12 3.97
C LEU B 233 -8.17 34.83 3.91
N SER B 234 -7.50 35.14 2.79
CA SER B 234 -6.05 34.94 2.60
C SER B 234 -5.24 36.09 3.25
N LYS B 235 -5.89 37.24 3.48
CA LYS B 235 -5.28 38.39 4.19
C LYS B 235 -5.07 38.02 5.67
N LEU B 236 -4.19 38.74 6.37
CA LEU B 236 -3.90 38.55 7.81
C LEU B 236 -5.01 39.19 8.65
N ALA B 237 -5.24 38.67 9.86
CA ALA B 237 -6.22 39.19 10.86
C ALA B 237 -5.50 40.06 11.90
N GLU B 238 -4.16 40.13 11.83
CA GLU B 238 -3.30 41.04 12.62
C GLU B 238 -2.04 41.33 11.79
N THR B 239 -1.61 42.60 11.72
CA THR B 239 -0.31 42.97 11.11
C THR B 239 0.82 42.52 12.06
N THR B 240 0.50 42.24 13.32
CA THR B 240 1.45 41.80 14.38
C THR B 240 1.87 40.34 14.13
N ASP B 241 0.94 39.49 13.66
CA ASP B 241 1.17 38.04 13.52
C ASP B 241 2.07 37.76 12.32
N LYS B 242 1.62 38.11 11.11
CA LYS B 242 2.28 37.77 9.82
C LYS B 242 2.22 36.25 9.57
N VAL B 243 1.43 35.50 10.36
CA VAL B 243 1.20 34.03 10.15
C VAL B 243 -0.30 33.78 9.97
N LYS B 244 -1.08 34.00 11.02
CA LYS B 244 -2.54 33.68 11.09
C LYS B 244 -3.33 34.55 10.10
N GLN B 245 -4.01 33.92 9.14
CA GLN B 245 -4.94 34.56 8.16
C GLN B 245 -6.38 34.38 8.65
N GLY B 246 -7.36 34.92 7.94
CA GLY B 246 -8.79 34.79 8.27
C GLY B 246 -9.25 33.34 8.22
N PHE B 247 -8.64 32.54 7.34
CA PHE B 247 -8.88 31.08 7.18
C PHE B 247 -8.70 30.39 8.55
N TRP B 248 -7.58 30.68 9.22
CA TRP B 248 -7.27 30.18 10.59
C TRP B 248 -8.27 30.76 11.59
N GLU B 249 -8.60 32.05 11.48
CA GLU B 249 -9.56 32.77 12.37
C GLU B 249 -10.94 32.13 12.28
N GLU B 250 -11.43 31.88 11.06
CA GLU B 250 -12.76 31.27 10.78
C GLU B 250 -12.79 29.85 11.33
N PHE B 251 -11.77 29.05 10.98
CA PHE B 251 -11.62 27.63 11.39
C PHE B 251 -11.69 27.52 12.92
N GLU B 252 -10.95 28.36 13.63
CA GLU B 252 -10.80 28.26 15.10
C GLU B 252 -12.14 28.62 15.76
N THR B 253 -12.89 29.53 15.14
CA THR B 253 -14.26 29.90 15.59
C THR B 253 -15.13 28.64 15.48
N LEU B 254 -14.86 27.79 14.48
CA LEU B 254 -15.59 26.53 14.24
C LEU B 254 -15.16 25.49 15.27
N GLN B 255 -13.86 25.43 15.61
CA GLN B 255 -13.36 24.44 16.61
C GLN B 255 -14.01 24.75 17.96
N GLN B 256 -14.26 26.03 18.25
CA GLN B 256 -14.76 26.46 19.58
C GLN B 256 -16.23 26.10 19.74
N GLN B 257 -16.87 25.54 18.72
CA GLN B 257 -18.30 25.11 18.80
C GLN B 257 -18.36 23.58 18.91
N GLU B 258 -17.21 22.91 18.83
CA GLU B 258 -17.12 21.42 18.88
C GLU B 258 -17.63 20.93 20.24
N CYS B 259 -17.76 21.83 21.24
CA CYS B 259 -18.21 21.57 22.64
CA CYS B 259 -18.20 21.48 22.61
C CYS B 259 -19.74 21.43 22.69
N LYS B 260 -20.44 21.82 21.64
CA LYS B 260 -21.92 21.68 21.54
C LYS B 260 -22.27 20.34 20.86
N LEU B 261 -21.26 19.51 20.54
CA LEU B 261 -21.43 18.24 19.77
C LEU B 261 -20.89 17.04 20.56
N LEU B 262 -20.91 17.10 21.89
CA LEU B 262 -20.44 15.97 22.75
C LEU B 262 -21.60 14.99 22.99
N TYR B 263 -22.16 14.43 21.90
CA TYR B 263 -23.31 13.48 21.93
C TYR B 263 -22.81 12.10 22.37
N SER B 264 -23.72 11.23 22.82
CA SER B 264 -23.36 9.92 23.41
C SER B 264 -22.75 8.99 22.35
N ARG B 265 -21.77 8.17 22.76
CA ARG B 265 -21.12 7.13 21.94
C ARG B 265 -21.04 5.85 22.80
N LYS B 266 -22.17 5.46 23.39
CA LYS B 266 -22.31 4.38 24.39
C LYS B 266 -22.01 3.03 23.71
N GLU B 267 -22.73 2.72 22.62
CA GLU B 267 -22.65 1.43 21.90
C GLU B 267 -21.21 1.13 21.47
N GLY B 268 -20.44 2.17 21.11
CA GLY B 268 -19.04 2.06 20.68
C GLY B 268 -18.09 1.74 21.84
N GLN B 269 -18.51 2.00 23.08
CA GLN B 269 -17.69 1.84 24.31
C GLN B 269 -18.02 0.50 25.00
N ARG B 270 -19.02 -0.23 24.48
CA ARG B 270 -19.43 -1.53 25.07
C ARG B 270 -18.29 -2.53 24.91
N GLN B 271 -18.18 -3.48 25.84
CA GLN B 271 -17.09 -4.48 25.91
C GLN B 271 -16.98 -5.21 24.57
N GLU B 272 -18.12 -5.74 24.09
CA GLU B 272 -18.23 -6.60 22.89
C GLU B 272 -17.79 -5.83 21.63
N ASN B 273 -17.67 -4.50 21.71
CA ASN B 273 -17.45 -3.60 20.55
C ASN B 273 -16.07 -2.92 20.56
N LYS B 274 -15.24 -3.09 21.59
CA LYS B 274 -13.94 -2.36 21.66
C LYS B 274 -13.04 -2.81 20.49
N ASN B 275 -13.00 -4.11 20.17
CA ASN B 275 -12.03 -4.65 19.18
C ASN B 275 -12.50 -4.37 17.74
N LYS B 276 -13.69 -3.78 17.57
CA LYS B 276 -14.27 -3.44 16.25
C LYS B 276 -13.98 -1.97 15.91
N ASN B 277 -13.36 -1.25 16.86
CA ASN B 277 -12.86 0.13 16.66
C ASN B 277 -11.35 0.05 16.40
N ARG B 278 -10.88 0.75 15.37
CA ARG B 278 -9.45 0.81 14.98
C ARG B 278 -8.75 1.78 15.93
N TYR B 279 -9.41 2.89 16.24
CA TYR B 279 -9.02 3.84 17.32
C TYR B 279 -10.11 3.79 18.38
N LYS B 280 -9.80 3.30 19.58
CA LYS B 280 -10.81 2.91 20.60
C LYS B 280 -11.69 4.09 21.00
N ASN B 281 -11.18 5.32 20.89
CA ASN B 281 -11.84 6.55 21.40
C ASN B 281 -12.38 7.38 20.23
N ILE B 282 -12.19 6.95 18.97
CA ILE B 282 -12.86 7.60 17.82
C ILE B 282 -14.13 6.78 17.51
N LEU B 283 -15.25 7.16 18.12
CA LEU B 283 -16.47 6.32 18.18
C LEU B 283 -17.63 7.01 17.49
N PRO B 284 -18.53 6.22 16.85
CA PRO B 284 -19.71 6.75 16.19
C PRO B 284 -20.74 7.26 17.19
N PHE B 285 -21.38 8.39 16.88
CA PHE B 285 -22.57 8.89 17.61
C PHE B 285 -23.66 7.83 17.53
N ASP B 286 -24.30 7.53 18.66
CA ASP B 286 -25.38 6.51 18.77
C ASP B 286 -26.55 6.90 17.87
N HIS B 287 -26.82 8.22 17.73
CA HIS B 287 -28.03 8.77 17.09
C HIS B 287 -27.90 8.77 15.57
N THR B 288 -26.72 8.45 15.02
CA THR B 288 -26.48 8.44 13.55
C THR B 288 -25.77 7.14 13.11
N ARG B 289 -25.46 6.23 14.03
CA ARG B 289 -24.57 5.09 13.74
C ARG B 289 -25.31 4.11 12.83
N VAL B 290 -24.59 3.36 11.99
CA VAL B 290 -25.24 2.28 11.19
C VAL B 290 -25.49 1.10 12.14
N VAL B 291 -26.76 0.85 12.44
CA VAL B 291 -27.18 -0.37 13.19
C VAL B 291 -27.34 -1.49 12.14
N LEU B 292 -26.63 -2.61 12.34
CA LEU B 292 -26.72 -3.80 11.47
C LEU B 292 -27.82 -4.73 12.02
N HIS B 293 -28.77 -5.12 11.17
CA HIS B 293 -29.84 -6.10 11.50
C HIS B 293 -29.48 -7.43 10.83
N ASP B 294 -30.21 -8.50 11.13
CA ASP B 294 -29.96 -9.85 10.55
C ASP B 294 -28.53 -10.31 10.88
N GLY B 295 -28.18 -10.30 12.15
CA GLY B 295 -26.93 -10.88 12.69
C GLY B 295 -27.27 -12.16 13.43
N ASP B 296 -26.27 -12.99 13.71
CA ASP B 296 -26.46 -14.36 14.25
C ASP B 296 -27.16 -14.27 15.59
N PRO B 297 -28.14 -15.17 15.88
CA PRO B 297 -28.63 -15.35 17.25
C PRO B 297 -27.45 -15.59 18.18
N ASN B 298 -26.49 -16.41 17.72
CA ASN B 298 -25.31 -16.89 18.49
C ASN B 298 -24.31 -15.75 18.72
N GLU B 299 -24.51 -14.58 18.11
CA GLU B 299 -23.66 -13.38 18.35
C GLU B 299 -24.42 -12.42 19.26
N PRO B 300 -23.94 -12.22 20.51
CA PRO B 300 -24.66 -11.43 21.51
C PRO B 300 -24.89 -9.98 21.07
N VAL B 301 -23.82 -9.31 20.61
CA VAL B 301 -23.86 -7.99 19.93
C VAL B 301 -23.37 -8.21 18.49
N SER B 302 -24.21 -7.95 17.51
CA SER B 302 -23.94 -8.17 16.07
C SER B 302 -24.38 -6.96 15.25
N ASP B 303 -24.75 -5.84 15.89
CA ASP B 303 -25.40 -4.67 15.24
C ASP B 303 -24.46 -3.47 15.09
N TYR B 304 -23.19 -3.60 15.46
CA TYR B 304 -22.22 -2.48 15.55
C TYR B 304 -21.25 -2.45 14.37
N ILE B 305 -20.99 -1.23 13.89
CA ILE B 305 -19.86 -0.90 12.97
C ILE B 305 -19.46 0.56 13.28
N ASN B 306 -18.16 0.87 13.32
CA ASN B 306 -17.68 2.28 13.48
C ASN B 306 -18.02 3.02 12.17
N ALA B 307 -19.29 3.38 12.04
CA ALA B 307 -19.86 3.98 10.82
C ALA B 307 -21.03 4.88 11.23
N ASN B 308 -21.22 6.00 10.52
CA ASN B 308 -22.29 6.99 10.79
C ASN B 308 -22.95 7.38 9.47
N ILE B 309 -24.26 7.58 9.48
CA ILE B 309 -25.04 8.10 8.32
C ILE B 309 -24.85 9.62 8.29
N ILE B 310 -24.40 10.16 7.15
CA ILE B 310 -24.22 11.63 6.92
C ILE B 310 -25.28 12.09 5.92
N MET B 311 -26.24 12.90 6.37
CA MET B 311 -27.29 13.52 5.51
C MET B 311 -26.98 14.99 5.26
N PRO B 312 -26.90 15.43 3.98
CA PRO B 312 -26.65 16.83 3.64
C PRO B 312 -27.74 17.81 4.07
N GLU B 313 -28.93 17.30 4.44
CA GLU B 313 -30.09 18.12 4.90
C GLU B 313 -30.50 17.68 6.31
N PHE B 314 -29.58 17.72 7.28
CA PHE B 314 -29.80 17.23 8.68
C PHE B 314 -30.60 18.26 9.47
N PRO B 323 -30.92 10.23 0.46
CA PRO B 323 -30.53 8.85 0.70
C PRO B 323 -29.50 8.39 -0.35
N LYS B 324 -29.86 8.46 -1.62
CA LYS B 324 -28.89 8.32 -2.74
C LYS B 324 -28.05 9.61 -2.83
N LYS B 325 -28.39 10.64 -2.04
CA LYS B 325 -27.57 11.88 -1.91
C LYS B 325 -26.86 11.87 -0.55
N SER B 326 -26.94 10.77 0.20
CA SER B 326 -26.39 10.68 1.58
C SER B 326 -25.08 9.86 1.57
N TYR B 327 -24.38 9.87 2.70
CA TYR B 327 -23.04 9.25 2.83
C TYR B 327 -23.07 8.39 4.10
N ILE B 328 -22.26 7.34 4.14
CA ILE B 328 -21.85 6.67 5.39
C ILE B 328 -20.38 6.97 5.59
N ALA B 329 -20.03 7.78 6.60
CA ALA B 329 -18.63 8.08 7.00
C ALA B 329 -18.15 6.97 7.92
N THR B 330 -17.02 6.36 7.61
CA THR B 330 -16.54 5.18 8.37
C THR B 330 -15.02 5.09 8.36
N GLN B 331 -14.51 4.21 9.22
CA GLN B 331 -13.08 3.90 9.39
C GLN B 331 -12.70 2.78 8.41
N GLY B 332 -11.42 2.76 8.01
CA GLY B 332 -10.80 1.63 7.31
C GLY B 332 -11.02 0.33 8.07
N CYS B 333 -11.23 -0.75 7.33
CA CYS B 333 -11.58 -2.09 7.87
C CYS B 333 -10.45 -2.62 8.76
N LEU B 334 -10.84 -3.30 9.82
CA LEU B 334 -9.96 -4.25 10.55
C LEU B 334 -10.19 -5.67 9.97
N GLN B 335 -9.23 -6.57 10.19
CA GLN B 335 -9.30 -8.04 9.91
C GLN B 335 -10.64 -8.58 10.44
N ASN B 336 -11.01 -8.16 11.66
CA ASN B 336 -12.21 -8.65 12.40
C ASN B 336 -13.48 -7.86 12.04
N THR B 337 -13.43 -6.86 11.14
CA THR B 337 -14.61 -6.01 10.78
C THR B 337 -14.96 -6.05 9.28
N VAL B 338 -14.22 -6.79 8.45
CA VAL B 338 -14.45 -6.84 6.97
C VAL B 338 -15.84 -7.43 6.67
N ASN B 339 -16.20 -8.52 7.34
CA ASN B 339 -17.54 -9.18 7.18
C ASN B 339 -18.63 -8.17 7.56
N ASP B 340 -18.43 -7.39 8.62
CA ASP B 340 -19.43 -6.40 9.11
C ASP B 340 -19.47 -5.24 8.13
N PHE B 341 -18.35 -4.88 7.52
CA PHE B 341 -18.28 -3.79 6.50
C PHE B 341 -19.19 -4.12 5.31
N TRP B 342 -19.10 -5.33 4.75
CA TRP B 342 -19.94 -5.79 3.62
C TRP B 342 -21.41 -5.98 4.03
N ARG B 343 -21.69 -6.43 5.26
CA ARG B 343 -23.07 -6.47 5.82
C ARG B 343 -23.71 -5.08 5.74
N MET B 344 -22.95 -4.04 6.08
CA MET B 344 -23.41 -2.64 6.01
C MET B 344 -23.72 -2.30 4.55
N VAL B 345 -22.78 -2.51 3.62
CA VAL B 345 -22.92 -2.08 2.19
C VAL B 345 -24.17 -2.73 1.61
N PHE B 346 -24.37 -4.02 1.87
CA PHE B 346 -25.55 -4.81 1.42
C PHE B 346 -26.83 -4.22 2.02
N GLN B 347 -26.87 -4.09 3.34
CA GLN B 347 -28.04 -3.62 4.10
C GLN B 347 -28.47 -2.22 3.58
N GLU B 348 -27.52 -1.33 3.38
CA GLU B 348 -27.75 0.11 3.09
C GLU B 348 -27.96 0.29 1.59
N ASN B 349 -27.69 -0.75 0.80
CA ASN B 349 -27.94 -0.79 -0.67
C ASN B 349 -26.98 0.17 -1.37
N SER B 350 -25.80 0.38 -0.79
CA SER B 350 -24.71 1.23 -1.35
C SER B 350 -24.07 0.53 -2.56
N ARG B 351 -23.82 1.31 -3.62
CA ARG B 351 -23.31 0.80 -4.92
C ARG B 351 -21.97 1.45 -5.22
N VAL B 352 -21.46 2.26 -4.30
CA VAL B 352 -20.28 3.13 -4.53
C VAL B 352 -19.54 3.29 -3.21
N ILE B 353 -18.22 3.10 -3.26
CA ILE B 353 -17.30 3.18 -2.09
C ILE B 353 -16.18 4.14 -2.45
N VAL B 354 -15.91 5.10 -1.57
CA VAL B 354 -14.80 6.07 -1.72
C VAL B 354 -13.78 5.72 -0.64
N MET B 355 -12.62 5.23 -1.07
CA MET B 355 -11.43 4.93 -0.23
C MET B 355 -10.32 5.93 -0.56
N THR B 356 -10.01 6.83 0.36
CA THR B 356 -9.00 7.90 0.21
C THR B 356 -7.79 7.60 1.08
N THR B 357 -7.35 6.34 1.13
CA THR B 357 -6.09 5.94 1.80
C THR B 357 -5.52 4.69 1.13
N LYS B 358 -4.19 4.57 1.09
CA LYS B 358 -3.49 3.28 0.85
C LYS B 358 -3.83 2.33 2.00
N GLU B 359 -3.61 1.03 1.80
CA GLU B 359 -3.77 0.00 2.88
C GLU B 359 -2.81 0.34 4.01
N VAL B 360 -1.60 0.79 3.64
CA VAL B 360 -0.49 1.13 4.58
C VAL B 360 0.01 2.52 4.24
N GLU B 361 0.21 3.36 5.27
CA GLU B 361 0.85 4.70 5.15
C GLU B 361 1.93 4.82 6.23
N ARG B 362 3.13 5.25 5.83
CA ARG B 362 4.34 5.39 6.67
C ARG B 362 4.47 4.18 7.60
N GLY B 363 4.39 2.96 7.04
CA GLY B 363 4.67 1.69 7.75
C GLY B 363 3.51 1.21 8.60
N LYS B 364 2.49 2.05 8.81
CA LYS B 364 1.29 1.72 9.63
C LYS B 364 0.14 1.28 8.71
N SER B 365 -0.59 0.22 9.11
CA SER B 365 -1.86 -0.20 8.46
C SER B 365 -2.95 0.85 8.76
N LYS B 366 -3.73 1.20 7.72
CA LYS B 366 -4.79 2.24 7.75
C LYS B 366 -6.15 1.65 7.36
N CYS B 367 -6.15 0.49 6.73
CA CYS B 367 -7.35 -0.24 6.26
C CYS B 367 -6.86 -1.56 5.69
N VAL B 368 -7.57 -2.63 5.98
CA VAL B 368 -7.26 -3.99 5.43
CA VAL B 368 -7.22 -3.97 5.41
C VAL B 368 -7.82 -4.05 4.01
N LYS B 369 -7.25 -4.91 3.18
CA LYS B 369 -7.81 -5.25 1.85
C LYS B 369 -9.13 -5.96 2.13
N TYR B 370 -10.27 -5.32 1.82
CA TYR B 370 -11.62 -5.92 2.05
C TYR B 370 -12.21 -6.39 0.71
N TRP B 371 -11.47 -6.27 -0.37
CA TRP B 371 -11.90 -6.64 -1.75
C TRP B 371 -11.00 -7.75 -2.27
N PRO B 372 -11.50 -8.67 -3.11
CA PRO B 372 -10.65 -9.68 -3.74
C PRO B 372 -9.64 -9.10 -4.72
N ASP B 373 -8.73 -9.93 -5.22
CA ASP B 373 -7.81 -9.57 -6.34
C ASP B 373 -8.65 -9.53 -7.60
N GLU B 374 -8.16 -8.85 -8.65
CA GLU B 374 -8.90 -8.72 -9.93
C GLU B 374 -9.22 -10.12 -10.45
N TYR B 375 -10.49 -10.34 -10.83
CA TYR B 375 -11.03 -11.54 -11.50
C TYR B 375 -11.40 -12.62 -10.47
N ALA B 376 -10.88 -12.52 -9.25
CA ALA B 376 -11.07 -13.48 -8.15
C ALA B 376 -12.44 -13.28 -7.52
N LEU B 377 -12.84 -14.25 -6.68
CA LEU B 377 -14.14 -14.31 -5.99
C LEU B 377 -13.90 -14.74 -4.54
N LYS B 378 -14.42 -13.97 -3.57
CA LYS B 378 -14.20 -14.23 -2.13
C LYS B 378 -15.54 -14.18 -1.38
N GLU B 379 -15.57 -14.90 -0.27
CA GLU B 379 -16.72 -14.99 0.64
C GLU B 379 -16.30 -14.30 1.94
N TYR B 380 -17.04 -13.27 2.35
CA TYR B 380 -16.85 -12.53 3.62
C TYR B 380 -18.08 -12.75 4.50
N GLY B 381 -18.05 -13.80 5.33
CA GLY B 381 -19.23 -14.27 6.07
C GLY B 381 -20.31 -14.78 5.13
N VAL B 382 -21.52 -14.21 5.21
CA VAL B 382 -22.69 -14.60 4.35
C VAL B 382 -22.64 -13.79 3.04
N MET B 383 -21.67 -12.89 2.90
CA MET B 383 -21.55 -11.97 1.75
C MET B 383 -20.51 -12.53 0.79
N ARG B 384 -20.81 -12.51 -0.51
CA ARG B 384 -19.88 -12.98 -1.57
C ARG B 384 -19.55 -11.81 -2.49
N VAL B 385 -18.26 -11.53 -2.68
CA VAL B 385 -17.74 -10.40 -3.52
C VAL B 385 -16.84 -10.95 -4.63
N ARG B 386 -17.21 -10.73 -5.89
CA ARG B 386 -16.34 -10.92 -7.08
C ARG B 386 -15.71 -9.57 -7.46
N ASN B 387 -14.42 -9.57 -7.83
CA ASN B 387 -13.73 -8.37 -8.38
C ASN B 387 -13.75 -8.46 -9.91
N VAL B 388 -14.69 -7.77 -10.56
CA VAL B 388 -14.99 -7.94 -12.01
C VAL B 388 -13.81 -7.40 -12.84
N LYS B 389 -13.38 -6.18 -12.57
CA LYS B 389 -12.37 -5.48 -13.39
C LYS B 389 -11.75 -4.36 -12.57
N GLU B 390 -10.44 -4.16 -12.67
CA GLU B 390 -9.78 -2.96 -12.11
C GLU B 390 -9.34 -2.05 -13.27
N SER B 391 -9.60 -0.76 -13.14
CA SER B 391 -9.22 0.29 -14.11
C SER B 391 -8.40 1.35 -13.38
N ALA B 392 -7.10 1.42 -13.63
CA ALA B 392 -6.17 2.39 -13.04
C ALA B 392 -6.21 3.71 -13.84
N ALA B 393 -6.40 4.81 -13.12
CA ALA B 393 -6.07 6.19 -13.55
C ALA B 393 -4.81 6.61 -12.80
N HIS B 394 -4.38 7.86 -12.96
CA HIS B 394 -3.14 8.40 -12.32
C HIS B 394 -3.36 8.47 -10.80
N ASP B 395 -4.44 9.11 -10.36
CA ASP B 395 -4.72 9.46 -8.94
C ASP B 395 -5.48 8.33 -8.24
N TYR B 396 -6.25 7.51 -8.96
CA TYR B 396 -7.15 6.51 -8.33
C TYR B 396 -7.23 5.22 -9.16
N THR B 397 -7.67 4.15 -8.50
CA THR B 397 -8.08 2.87 -9.13
C THR B 397 -9.59 2.70 -8.97
N LEU B 398 -10.27 2.29 -10.03
CA LEU B 398 -11.68 1.84 -9.97
C LEU B 398 -11.71 0.32 -9.99
N ARG B 399 -12.44 -0.26 -9.05
CA ARG B 399 -12.71 -1.71 -9.01
C ARG B 399 -14.21 -1.93 -9.12
N GLU B 400 -14.65 -2.61 -10.18
CA GLU B 400 -16.04 -3.11 -10.33
C GLU B 400 -16.16 -4.41 -9.52
N LEU B 401 -16.80 -4.34 -8.36
CA LEU B 401 -17.05 -5.49 -7.45
C LEU B 401 -18.49 -5.91 -7.66
N LYS B 402 -18.80 -7.21 -7.49
CA LYS B 402 -20.20 -7.72 -7.49
C LYS B 402 -20.44 -8.33 -6.11
N LEU B 403 -21.52 -7.89 -5.45
CA LEU B 403 -21.84 -8.19 -4.03
C LEU B 403 -23.19 -8.91 -4.00
N SER B 404 -23.35 -9.87 -3.08
CA SER B 404 -24.50 -10.80 -2.99
C SER B 404 -24.46 -11.57 -1.68
N LYS B 405 -25.59 -12.17 -1.29
CA LYS B 405 -25.63 -13.07 -0.12
C LYS B 405 -25.42 -14.51 -0.60
N VAL B 406 -24.54 -15.25 0.07
CA VAL B 406 -24.39 -16.72 -0.17
C VAL B 406 -25.79 -17.32 -0.06
N GLY B 407 -26.18 -18.14 -1.05
CA GLY B 407 -27.45 -18.88 -1.05
C GLY B 407 -28.60 -18.15 -1.72
N GLN B 408 -28.41 -16.89 -2.12
CA GLN B 408 -29.49 -16.05 -2.71
C GLN B 408 -28.97 -15.32 -3.95
N GLY B 409 -29.19 -15.92 -5.14
CA GLY B 409 -28.61 -15.50 -6.44
C GLY B 409 -29.09 -14.13 -6.91
N ASN B 410 -30.37 -13.83 -6.75
CA ASN B 410 -30.99 -12.56 -7.24
C ASN B 410 -30.83 -11.44 -6.18
N THR B 411 -29.76 -11.46 -5.38
CA THR B 411 -29.43 -10.39 -4.40
C THR B 411 -28.25 -9.55 -4.92
N GLU B 412 -27.81 -9.82 -6.15
CA GLU B 412 -26.53 -9.32 -6.70
C GLU B 412 -26.65 -7.82 -7.05
N ARG B 413 -25.59 -7.05 -6.76
CA ARG B 413 -25.47 -5.61 -7.12
C ARG B 413 -24.00 -5.34 -7.49
N THR B 414 -23.76 -4.47 -8.47
CA THR B 414 -22.41 -3.94 -8.73
C THR B 414 -22.14 -2.87 -7.68
N VAL B 415 -21.00 -2.97 -6.99
CA VAL B 415 -20.56 -1.93 -6.01
C VAL B 415 -19.22 -1.38 -6.49
N TRP B 416 -19.24 -0.16 -7.02
CA TRP B 416 -18.05 0.47 -7.62
C TRP B 416 -17.20 1.09 -6.49
N GLN B 417 -15.96 0.64 -6.37
CA GLN B 417 -15.01 1.11 -5.34
C GLN B 417 -14.02 2.06 -6.00
N TYR B 418 -13.98 3.28 -5.51
CA TYR B 418 -13.08 4.36 -6.00
C TYR B 418 -12.01 4.54 -4.93
N HIS B 419 -10.80 4.09 -5.21
CA HIS B 419 -9.68 4.09 -4.25
C HIS B 419 -8.71 5.20 -4.67
N PHE B 420 -8.81 6.37 -4.05
CA PHE B 420 -7.84 7.48 -4.26
C PHE B 420 -6.52 7.07 -3.60
N ARG B 421 -5.46 6.99 -4.40
CA ARG B 421 -4.16 6.38 -3.99
C ARG B 421 -3.07 7.42 -3.78
N THR B 422 -3.29 8.70 -4.13
CA THR B 422 -2.20 9.71 -4.19
C THR B 422 -2.37 10.79 -3.12
N TRP B 423 -3.28 10.64 -2.16
CA TRP B 423 -3.48 11.67 -1.10
C TRP B 423 -2.23 11.71 -0.24
N PRO B 424 -1.52 12.86 -0.15
CA PRO B 424 -0.24 12.94 0.58
C PRO B 424 -0.34 12.41 2.01
N ASP B 425 0.71 11.74 2.50
CA ASP B 425 0.69 11.04 3.81
C ASP B 425 0.39 12.05 4.92
N HIS B 426 0.91 13.28 4.79
CA HIS B 426 0.65 14.43 5.69
C HIS B 426 0.11 15.64 4.89
N GLY B 427 -0.89 16.33 5.44
CA GLY B 427 -1.49 17.53 4.82
C GLY B 427 -2.50 17.20 3.74
N VAL B 428 -2.68 18.10 2.77
CA VAL B 428 -3.71 17.99 1.70
C VAL B 428 -3.02 18.16 0.34
N PRO B 429 -3.61 17.65 -0.77
CA PRO B 429 -3.03 17.85 -2.09
C PRO B 429 -2.87 19.33 -2.46
N SER B 430 -1.74 19.69 -3.07
CA SER B 430 -1.38 21.05 -3.56
C SER B 430 -2.41 21.59 -4.56
N ASP B 431 -2.85 20.76 -5.52
CA ASP B 431 -3.82 21.16 -6.58
C ASP B 431 -5.13 20.42 -6.32
N PRO B 432 -6.27 21.13 -6.19
CA PRO B 432 -7.58 20.49 -6.02
C PRO B 432 -8.17 19.76 -7.24
N GLY B 433 -7.65 19.99 -8.46
CA GLY B 433 -8.20 19.49 -9.73
C GLY B 433 -8.38 17.99 -9.72
N GLY B 434 -7.37 17.27 -9.21
CA GLY B 434 -7.37 15.79 -9.10
C GLY B 434 -8.47 15.25 -8.19
N VAL B 435 -8.73 15.93 -7.06
CA VAL B 435 -9.73 15.50 -6.04
C VAL B 435 -11.13 15.79 -6.59
N LEU B 436 -11.32 16.94 -7.24
CA LEU B 436 -12.61 17.33 -7.87
C LEU B 436 -12.91 16.45 -9.08
N ASP B 437 -11.88 16.06 -9.84
CA ASP B 437 -12.05 15.13 -10.99
C ASP B 437 -12.53 13.78 -10.44
N PHE B 438 -11.91 13.33 -9.35
CA PHE B 438 -12.31 12.16 -8.55
C PHE B 438 -13.78 12.30 -8.09
N LEU B 439 -14.14 13.42 -7.47
CA LEU B 439 -15.51 13.71 -6.97
C LEU B 439 -16.52 13.63 -8.12
N GLU B 440 -16.19 14.29 -9.23
CA GLU B 440 -17.11 14.40 -10.40
C GLU B 440 -17.37 13.00 -10.96
N GLU B 441 -16.34 12.16 -11.02
CA GLU B 441 -16.48 10.77 -11.52
C GLU B 441 -17.31 9.94 -10.53
N VAL B 442 -17.07 10.10 -9.22
CA VAL B 442 -17.82 9.42 -8.12
C VAL B 442 -19.29 9.87 -8.15
N HIS B 443 -19.55 11.18 -8.27
CA HIS B 443 -20.91 11.76 -8.31
C HIS B 443 -21.70 11.21 -9.50
N HIS B 444 -21.05 11.08 -10.67
CA HIS B 444 -21.74 10.69 -11.92
C HIS B 444 -22.11 9.21 -11.86
N LYS B 445 -21.27 8.37 -11.25
CA LYS B 445 -21.56 6.92 -11.07
C LYS B 445 -22.77 6.74 -10.17
N GLN B 446 -22.79 7.40 -9.01
CA GLN B 446 -23.91 7.34 -8.03
C GLN B 446 -25.20 7.80 -8.72
N GLU B 447 -25.14 8.95 -9.41
CA GLU B 447 -26.29 9.54 -10.13
C GLU B 447 -26.83 8.54 -11.17
N SER B 448 -25.97 7.69 -11.74
CA SER B 448 -26.29 6.76 -12.88
C SER B 448 -27.07 5.53 -12.40
N ILE B 449 -27.01 5.21 -11.10
CA ILE B 449 -27.64 3.98 -10.53
C ILE B 449 -28.96 4.35 -9.86
N MET B 450 -30.02 3.62 -10.19
CA MET B 450 -31.39 3.90 -9.66
C MET B 450 -31.48 3.22 -8.29
N ASP B 451 -32.01 3.95 -7.31
CA ASP B 451 -32.23 3.45 -5.93
C ASP B 451 -30.87 3.12 -5.30
N ALA B 452 -29.83 3.90 -5.60
CA ALA B 452 -28.51 3.80 -4.94
C ALA B 452 -28.67 4.21 -3.48
N GLY B 453 -28.06 3.47 -2.57
CA GLY B 453 -27.93 3.85 -1.16
C GLY B 453 -26.78 4.84 -0.93
N PRO B 454 -26.49 5.16 0.35
CA PRO B 454 -25.48 6.16 0.70
C PRO B 454 -24.16 5.81 0.02
N VAL B 455 -23.40 6.81 -0.45
CA VAL B 455 -22.00 6.60 -0.91
C VAL B 455 -21.16 6.35 0.33
N VAL B 456 -20.58 5.15 0.46
CA VAL B 456 -19.74 4.80 1.64
C VAL B 456 -18.40 5.53 1.46
N VAL B 457 -17.98 6.33 2.43
CA VAL B 457 -16.69 7.09 2.37
C VAL B 457 -15.84 6.71 3.58
N HIS B 458 -14.65 6.16 3.35
CA HIS B 458 -13.71 5.74 4.43
C HIS B 458 -12.26 6.16 4.14
N CYS B 459 -11.56 6.61 5.18
CA CYS B 459 -10.09 6.79 5.20
C CYS B 459 -9.52 5.83 6.26
N SER B 460 -8.88 6.35 7.31
CA SER B 460 -8.27 5.52 8.39
C SER B 460 -9.22 5.51 9.59
N ALA B 461 -9.53 6.68 10.16
CA ALA B 461 -10.47 6.87 11.30
C ALA B 461 -11.81 7.40 10.80
N GLY B 462 -11.84 7.92 9.57
CA GLY B 462 -13.06 8.28 8.84
C GLY B 462 -13.61 9.62 9.28
N ILE B 463 -12.74 10.57 9.63
CA ILE B 463 -13.16 11.92 10.12
C ILE B 463 -12.43 13.03 9.36
N GLY B 464 -11.14 12.89 9.05
CA GLY B 464 -10.32 13.95 8.45
C GLY B 464 -10.54 14.06 6.94
N ARG B 465 -9.87 13.20 6.19
CA ARG B 465 -9.98 13.11 4.70
C ARG B 465 -11.43 12.79 4.29
N THR B 466 -12.03 11.79 4.94
CA THR B 466 -13.44 11.35 4.74
C THR B 466 -14.41 12.52 4.86
N GLY B 467 -14.23 13.34 5.90
CA GLY B 467 -15.12 14.47 6.20
C GLY B 467 -14.85 15.61 5.25
N THR B 468 -13.60 15.76 4.83
CA THR B 468 -13.17 16.79 3.86
C THR B 468 -13.90 16.52 2.56
N PHE B 469 -13.77 15.31 2.01
CA PHE B 469 -14.40 14.86 0.74
C PHE B 469 -15.93 14.97 0.83
N ILE B 470 -16.57 14.40 1.84
CA ILE B 470 -18.06 14.47 1.91
C ILE B 470 -18.47 15.96 1.82
N VAL B 471 -17.81 16.84 2.59
CA VAL B 471 -18.26 18.24 2.77
C VAL B 471 -18.08 18.98 1.44
N ILE B 472 -16.96 18.74 0.74
CA ILE B 472 -16.67 19.29 -0.61
C ILE B 472 -17.82 18.83 -1.51
N ASP B 473 -18.20 17.56 -1.43
CA ASP B 473 -19.25 16.94 -2.29
C ASP B 473 -20.61 17.57 -1.97
N ILE B 474 -20.95 17.77 -0.70
CA ILE B 474 -22.24 18.41 -0.29
C ILE B 474 -22.33 19.82 -0.89
N LEU B 475 -21.23 20.59 -0.82
CA LEU B 475 -21.14 22.00 -1.29
C LEU B 475 -21.19 22.05 -2.84
N ILE B 476 -20.36 21.26 -3.52
CA ILE B 476 -20.32 21.23 -5.01
C ILE B 476 -21.71 20.82 -5.50
N ASP B 477 -22.39 19.98 -4.74
CA ASP B 477 -23.74 19.46 -5.12
C ASP B 477 -24.74 20.62 -5.16
N ILE B 478 -24.64 21.60 -4.26
CA ILE B 478 -25.55 22.78 -4.22
C ILE B 478 -25.40 23.54 -5.55
N ILE B 479 -24.16 23.79 -5.96
CA ILE B 479 -23.82 24.58 -7.17
C ILE B 479 -24.26 23.80 -8.41
N ARG B 480 -24.24 22.47 -8.36
CA ARG B 480 -24.77 21.58 -9.45
C ARG B 480 -26.26 21.80 -9.65
N GLU B 481 -27.04 21.78 -8.57
CA GLU B 481 -28.53 21.80 -8.58
C GLU B 481 -29.07 23.23 -8.71
N LYS B 482 -28.34 24.23 -8.21
CA LYS B 482 -28.85 25.63 -8.06
C LYS B 482 -28.06 26.63 -8.92
N GLY B 483 -27.02 26.20 -9.64
CA GLY B 483 -26.12 27.10 -10.40
C GLY B 483 -25.31 28.00 -9.47
N VAL B 484 -24.49 28.91 -10.03
CA VAL B 484 -23.53 29.75 -9.24
C VAL B 484 -24.28 30.68 -8.28
N ASP B 485 -25.55 31.02 -8.56
CA ASP B 485 -26.35 31.97 -7.73
C ASP B 485 -26.99 31.24 -6.55
N CYS B 486 -26.18 30.73 -5.63
CA CYS B 486 -26.63 29.90 -4.49
C CYS B 486 -25.87 30.31 -3.23
N ASP B 487 -26.51 30.09 -2.08
CA ASP B 487 -25.92 30.42 -0.76
C ASP B 487 -25.17 29.20 -0.27
N ILE B 488 -23.84 29.33 -0.19
CA ILE B 488 -22.97 28.34 0.49
C ILE B 488 -22.34 29.01 1.70
N ASP B 489 -22.20 28.23 2.78
CA ASP B 489 -21.72 28.67 4.10
C ASP B 489 -20.90 27.49 4.63
N VAL B 490 -19.58 27.50 4.36
CA VAL B 490 -18.67 26.34 4.57
C VAL B 490 -18.78 25.85 6.02
N PRO B 491 -18.58 26.73 7.04
CA PRO B 491 -18.61 26.28 8.44
C PRO B 491 -19.97 25.75 8.92
N LYS B 492 -21.06 26.26 8.36
CA LYS B 492 -22.44 25.80 8.69
C LYS B 492 -22.54 24.32 8.31
N THR B 493 -22.00 23.98 7.14
CA THR B 493 -22.09 22.64 6.50
C THR B 493 -21.21 21.67 7.28
N ILE B 494 -20.05 22.12 7.77
CA ILE B 494 -19.10 21.30 8.57
C ILE B 494 -19.73 21.01 9.93
N GLN B 495 -20.30 22.01 10.60
CA GLN B 495 -20.92 21.87 11.94
C GLN B 495 -22.14 20.93 11.85
N MET B 496 -22.91 20.99 10.76
CA MET B 496 -24.06 20.09 10.52
C MET B 496 -23.57 18.64 10.33
N VAL B 497 -22.44 18.45 9.63
CA VAL B 497 -21.82 17.11 9.37
C VAL B 497 -21.09 16.63 10.65
N ARG B 498 -20.54 17.58 11.42
CA ARG B 498 -19.78 17.28 12.67
C ARG B 498 -20.74 16.93 13.82
N SER B 499 -22.03 17.26 13.68
CA SER B 499 -23.11 16.82 14.60
C SER B 499 -23.58 15.41 14.25
N GLN B 500 -23.09 14.80 13.15
CA GLN B 500 -23.49 13.44 12.71
C GLN B 500 -22.33 12.44 12.89
N ARG B 501 -21.10 12.88 12.75
CA ARG B 501 -19.90 12.08 13.11
C ARG B 501 -18.86 13.03 13.70
N SER B 502 -18.00 12.52 14.55
CA SER B 502 -17.10 13.33 15.42
C SER B 502 -15.87 13.81 14.64
N GLY B 503 -15.55 15.10 14.73
CA GLY B 503 -14.31 15.70 14.19
C GLY B 503 -14.28 15.66 12.68
N MET B 504 -15.42 15.83 12.03
CA MET B 504 -15.55 15.51 10.60
C MET B 504 -14.67 16.40 9.72
N VAL B 505 -14.21 17.58 10.08
CA VAL B 505 -13.08 18.16 9.28
C VAL B 505 -11.92 18.41 10.25
N GLN B 506 -10.79 17.73 10.07
CA GLN B 506 -9.73 17.64 11.12
C GLN B 506 -8.84 18.89 11.14
N THR B 507 -8.41 19.43 10.00
CA THR B 507 -7.32 20.44 9.96
C THR B 507 -7.75 21.70 9.22
N GLU B 508 -6.98 22.76 9.46
CA GLU B 508 -7.15 24.10 8.87
C GLU B 508 -6.77 24.01 7.38
N ALA B 509 -5.82 23.13 7.07
CA ALA B 509 -5.33 22.81 5.71
C ALA B 509 -6.47 22.20 4.89
N GLN B 510 -7.17 21.23 5.49
CA GLN B 510 -8.39 20.59 4.92
C GLN B 510 -9.47 21.67 4.78
N TYR B 511 -9.70 22.44 5.85
CA TYR B 511 -10.73 23.52 5.90
C TYR B 511 -10.54 24.47 4.70
N ARG B 512 -9.33 24.99 4.56
CA ARG B 512 -8.94 25.87 3.42
C ARG B 512 -9.12 25.11 2.10
N SER B 513 -8.75 23.81 2.06
CA SER B 513 -8.81 22.96 0.83
C SER B 513 -10.26 22.78 0.35
N ILE B 514 -11.24 22.92 1.26
CA ILE B 514 -12.69 22.92 0.93
C ILE B 514 -13.00 24.21 0.15
N TYR B 515 -12.50 25.36 0.60
CA TYR B 515 -12.70 26.66 -0.09
C TYR B 515 -12.10 26.57 -1.50
N MET B 516 -10.83 26.13 -1.60
CA MET B 516 -10.07 26.04 -2.88
C MET B 516 -10.77 25.08 -3.84
N ALA B 517 -11.42 24.05 -3.32
CA ALA B 517 -12.18 23.06 -4.11
C ALA B 517 -13.37 23.77 -4.76
N VAL B 518 -14.13 24.52 -3.95
CA VAL B 518 -15.32 25.28 -4.42
C VAL B 518 -14.86 26.36 -5.41
N GLN B 519 -13.75 27.07 -5.11
CA GLN B 519 -13.20 28.11 -6.01
C GLN B 519 -12.89 27.45 -7.37
N HIS B 520 -12.08 26.40 -7.37
CA HIS B 520 -11.60 25.69 -8.60
C HIS B 520 -12.79 25.22 -9.44
N TYR B 521 -13.79 24.56 -8.83
CA TYR B 521 -14.98 23.97 -9.51
C TYR B 521 -15.73 25.07 -10.28
N ILE B 522 -15.90 26.23 -9.63
CA ILE B 522 -16.62 27.42 -10.17
C ILE B 522 -15.77 28.02 -11.31
N GLU B 523 -14.45 28.15 -11.12
CA GLU B 523 -13.49 28.69 -12.13
C GLU B 523 -13.60 27.88 -13.43
N THR B 524 -13.71 26.55 -13.34
CA THR B 524 -13.70 25.61 -14.50
C THR B 524 -15.13 25.35 -14.99
N LEU B 525 -16.00 26.38 -14.98
CA LEU B 525 -17.45 26.23 -15.32
C LEU B 525 -17.80 27.12 -16.51
C1 5OD C . 15.49 -15.73 -23.60
C3 5OD C . 14.71 -15.31 -25.74
C11 5OD C . 10.54 -17.14 -26.67
C12 5OD C . 10.71 -16.97 -28.20
C13 5OD C . 12.14 -16.48 -28.49
C14 5OD C . 12.53 -15.28 -27.67
C15 5OD C . 17.15 -16.95 -22.14
C16 5OD C . 18.31 -16.95 -21.37
C17 5OD C . 19.02 -15.77 -21.19
C18 5OD C . 18.58 -14.61 -21.78
C19 5OD C . 17.43 -14.61 -22.54
C23 5OD C . 9.68 -15.98 -28.74
N2 5OD C . 15.74 -15.37 -24.87
C4 5OD C . 13.40 -15.62 -25.34
N5 5OD C . 13.14 -16.00 -24.08
C6 5OD C . 14.16 -16.07 -23.20
N7 5OD C . 13.87 -16.44 -21.96
C8 5OD C . 16.69 -15.77 -22.72
N9 5OD C . 12.37 -15.59 -26.24
C10 5OD C . 10.98 -15.91 -25.91
CL1 5OD C . 16.27 -18.43 -22.33
CL2 5OD C . 18.87 -18.41 -20.64
N22 5OD C . 10.48 -18.26 -28.88
C1 5OD D . -18.87 31.15 12.14
C3 5OD D . -18.77 33.45 12.38
C11 5OD D . -16.44 36.25 14.04
C12 5OD D . -14.92 36.36 13.87
C13 5OD D . -14.39 35.03 13.27
C14 5OD D . -15.18 34.57 12.05
C15 5OD D . -19.80 28.97 13.01
C16 5OD D . -20.70 27.92 12.91
C17 5OD D . -21.58 27.84 11.86
C18 5OD D . -21.56 28.83 10.90
C19 5OD D . -20.69 29.89 11.00
C23 5OD D . -14.58 37.53 12.96
N2 5OD D . -19.50 32.33 12.32
C4 5OD D . -17.36 33.41 12.26
N5 5OD D . -16.72 32.24 12.08
C6 5OD D . -17.45 31.10 12.02
N7 5OD D . -16.79 29.97 11.84
C8 5OD D . -19.77 29.97 12.05
N9 5OD D . -16.61 34.53 12.34
C10 5OD D . -17.11 35.84 12.75
CL1 5OD D . -18.70 29.04 14.34
CL2 5OD D . -20.74 26.68 14.12
N22 5OD D . -14.27 36.58 15.16
#